data_9HI5
#
_entry.id   9HI5
#
_cell.length_a   49.050
_cell.length_b   63.310
_cell.length_c   98.180
_cell.angle_alpha   96.360
_cell.angle_beta   99.530
_cell.angle_gamma   114.570
#
_symmetry.space_group_name_H-M   'P 1'
#
loop_
_entity.id
_entity.type
_entity.pdbx_description
1 polymer 'GDSL-like protein'
2 non-polymer 'ISOPROPYL ALCOHOL'
3 water water
#
_entity_poly.entity_id   1
_entity_poly.type   'polypeptide(L)'
_entity_poly.pdbx_seq_one_letter_code
;SDAQKQDWGNLKRYAEANKELVRKGKQKDRVVFMGNSITEGWVANDAAFFEDNGYVGRGIGGQTSSHFLLRFREDVIKLA
PALVVINAGTNDIAENAGAYNEEYTFGNIVSMVELARANKIKVILTSVLPAAAFGWNPSVKAATQAIINLNTRIINYAIE
NKIPFVDYFVEMAQSPNGDLNSSYTRDGVHPTLEGYKVMEALIKKAIDKVLGSGSGWHHHHHH
;
_entity_poly.pdbx_strand_id   A,B,C,D
#
loop_
_chem_comp.id
_chem_comp.type
_chem_comp.name
_chem_comp.formula
IPA non-polymer 'ISOPROPYL ALCOHOL' 'C3 H8 O'
#
# COMPACT_ATOMS: atom_id res chain seq x y z
N GLN A 6 0.17 19.10 -16.47
CA GLN A 6 -1.21 19.53 -16.64
C GLN A 6 -2.12 18.94 -15.55
N ASP A 7 -3.08 19.74 -15.10
CA ASP A 7 -4.02 19.44 -14.00
C ASP A 7 -5.26 20.26 -14.34
N TRP A 8 -6.02 19.73 -15.31
CA TRP A 8 -7.11 20.52 -15.89
C TRP A 8 -8.14 20.90 -14.83
N GLY A 9 -8.46 19.97 -13.92
CA GLY A 9 -9.46 20.24 -12.89
C GLY A 9 -8.99 21.16 -11.78
N ASN A 10 -7.71 21.46 -11.73
CA ASN A 10 -7.08 22.25 -10.67
C ASN A 10 -7.30 21.62 -9.29
N LEU A 11 -7.08 20.31 -9.21
CA LEU A 11 -6.99 19.64 -7.93
C LEU A 11 -5.81 20.16 -7.11
N LYS A 12 -4.82 20.75 -7.77
CA LYS A 12 -3.65 21.28 -7.06
C LYS A 12 -4.03 22.43 -6.15
N ARG A 13 -5.07 23.21 -6.52
N ARG A 13 -5.05 23.23 -6.51
CA ARG A 13 -5.35 24.45 -5.78
CA ARG A 13 -5.33 24.45 -5.77
C ARG A 13 -5.55 24.19 -4.30
C ARG A 13 -5.51 24.16 -4.27
N TYR A 14 -6.31 23.15 -3.94
CA TYR A 14 -6.62 22.89 -2.53
C TYR A 14 -5.94 21.65 -1.97
N ALA A 15 -5.01 21.05 -2.71
CA ALA A 15 -4.51 19.75 -2.30
C ALA A 15 -3.78 19.86 -0.96
N GLU A 16 -2.93 20.87 -0.82
CA GLU A 16 -2.19 21.03 0.46
C GLU A 16 -3.14 21.43 1.58
N ALA A 17 -4.08 22.35 1.29
CA ALA A 17 -5.07 22.74 2.30
C ALA A 17 -5.88 21.53 2.78
N ASN A 18 -6.28 20.64 1.86
CA ASN A 18 -6.96 19.42 2.24
C ASN A 18 -6.09 18.54 3.14
N LYS A 19 -4.81 18.41 2.80
CA LYS A 19 -3.91 17.62 3.66
C LYS A 19 -3.89 18.16 5.08
N GLU A 20 -3.73 19.48 5.22
CA GLU A 20 -3.75 20.09 6.54
C GLU A 20 -5.06 19.86 7.28
N LEU A 21 -6.19 19.78 6.56
CA LEU A 21 -7.47 19.54 7.21
C LEU A 21 -7.56 18.12 7.73
N VAL A 22 -7.20 17.15 6.90
CA VAL A 22 -7.28 15.75 7.30
C VAL A 22 -6.35 15.47 8.48
N ARG A 23 -5.22 16.19 8.56
CA ARG A 23 -4.31 16.04 9.68
C ARG A 23 -4.94 16.50 10.99
N LYS A 24 -5.84 17.47 10.93
CA LYS A 24 -6.50 18.01 12.12
C LYS A 24 -7.75 17.25 12.52
N GLY A 25 -8.03 16.11 11.89
CA GLY A 25 -9.14 15.24 12.27
C GLY A 25 -10.52 15.62 11.76
N LYS A 26 -11.33 14.61 11.42
CA LYS A 26 -12.69 14.85 10.97
C LYS A 26 -13.50 15.60 12.03
N GLN A 27 -14.43 16.43 11.56
CA GLN A 27 -15.04 17.49 12.33
C GLN A 27 -16.56 17.35 12.28
N LYS A 28 -17.23 17.76 13.36
CA LYS A 28 -18.68 17.69 13.40
C LYS A 28 -19.28 18.82 12.57
N ASP A 29 -20.32 18.48 11.79
CA ASP A 29 -21.13 19.44 11.02
C ASP A 29 -20.27 20.37 10.16
N ARG A 30 -19.24 19.82 9.57
CA ARG A 30 -18.49 20.54 8.55
C ARG A 30 -19.35 20.74 7.31
N VAL A 31 -19.33 21.95 6.76
CA VAL A 31 -20.02 22.27 5.50
C VAL A 31 -18.95 22.71 4.49
N VAL A 32 -18.96 22.11 3.30
CA VAL A 32 -18.10 22.55 2.21
C VAL A 32 -18.91 23.35 1.21
N PHE A 33 -18.34 24.46 0.76
CA PHE A 33 -18.93 25.29 -0.26
C PHE A 33 -18.18 25.03 -1.57
N MET A 34 -18.89 24.53 -2.58
CA MET A 34 -18.27 24.31 -3.89
C MET A 34 -18.81 25.33 -4.88
N GLY A 35 -17.95 25.87 -5.75
CA GLY A 35 -18.43 26.92 -6.64
C GLY A 35 -17.26 27.58 -7.36
N ASN A 36 -17.56 28.69 -8.00
CA ASN A 36 -16.59 29.41 -8.83
C ASN A 36 -16.23 30.74 -8.14
N SER A 37 -16.19 31.88 -8.84
CA SER A 37 -15.53 33.05 -8.27
C SER A 37 -16.34 33.70 -7.15
N ILE A 38 -17.66 33.57 -7.15
CA ILE A 38 -18.39 34.13 -6.02
C ILE A 38 -18.09 33.35 -4.75
N THR A 39 -18.01 32.02 -4.85
CA THR A 39 -17.63 31.19 -3.70
C THR A 39 -16.18 31.46 -3.30
N GLU A 40 -15.28 31.54 -4.29
CA GLU A 40 -13.90 31.92 -3.99
C GLU A 40 -13.85 33.29 -3.34
N GLY A 41 -14.61 34.26 -3.88
CA GLY A 41 -14.55 35.62 -3.35
C GLY A 41 -15.17 35.74 -1.96
N TRP A 42 -16.10 34.85 -1.62
CA TRP A 42 -16.69 34.86 -0.29
C TRP A 42 -15.62 34.67 0.79
N VAL A 43 -14.74 33.67 0.62
CA VAL A 43 -13.66 33.46 1.57
C VAL A 43 -12.70 34.64 1.55
N ALA A 44 -12.42 35.19 0.37
CA ALA A 44 -11.51 36.34 0.30
C ALA A 44 -12.10 37.53 1.04
N ASN A 45 -13.42 37.74 0.93
CA ASN A 45 -14.04 38.94 1.49
C ASN A 45 -14.38 38.75 2.96
N ASP A 46 -14.64 37.51 3.42
CA ASP A 46 -15.09 37.32 4.82
C ASP A 46 -14.67 35.92 5.29
N ALA A 47 -13.36 35.75 5.43
CA ALA A 47 -12.81 34.48 5.86
C ALA A 47 -13.35 34.05 7.22
N ALA A 48 -13.60 35.01 8.11
CA ALA A 48 -14.07 34.67 9.45
C ALA A 48 -15.44 33.99 9.44
N PHE A 49 -16.31 34.34 8.49
CA PHE A 49 -17.59 33.63 8.38
C PHE A 49 -17.36 32.14 8.20
N PHE A 50 -16.40 31.77 7.37
CA PHE A 50 -16.11 30.36 7.18
C PHE A 50 -15.41 29.77 8.41
N GLU A 51 -14.36 30.43 8.87
CA GLU A 51 -13.58 29.86 9.95
C GLU A 51 -14.41 29.73 11.24
N ASP A 52 -15.19 30.76 11.57
CA ASP A 52 -15.96 30.74 12.82
C ASP A 52 -17.03 29.65 12.79
N ASN A 53 -17.54 29.30 11.61
CA ASN A 53 -18.65 28.37 11.51
C ASN A 53 -18.23 26.96 11.17
N GLY A 54 -16.93 26.71 11.04
CA GLY A 54 -16.47 25.41 10.59
C GLY A 54 -16.78 25.12 9.13
N TYR A 55 -16.96 26.15 8.31
CA TYR A 55 -17.22 25.96 6.90
C TYR A 55 -15.92 26.02 6.11
N VAL A 56 -15.87 25.28 5.01
CA VAL A 56 -14.66 25.15 4.19
C VAL A 56 -15.00 25.65 2.79
N GLY A 57 -14.27 26.67 2.31
CA GLY A 57 -14.53 27.23 1.00
C GLY A 57 -13.67 26.52 -0.03
N ARG A 58 -14.30 25.97 -1.05
CA ARG A 58 -13.58 25.26 -2.10
C ARG A 58 -13.91 25.84 -3.47
N GLY A 59 -14.11 27.16 -3.51
CA GLY A 59 -14.43 27.82 -4.77
C GLY A 59 -13.17 28.14 -5.57
N ILE A 60 -13.31 28.13 -6.90
CA ILE A 60 -12.23 28.52 -7.81
C ILE A 60 -12.81 29.34 -8.95
N GLY A 61 -12.41 30.61 -9.06
CA GLY A 61 -12.91 31.45 -10.13
C GLY A 61 -12.58 30.90 -11.51
N GLY A 62 -13.47 31.16 -12.45
CA GLY A 62 -13.27 30.76 -13.83
C GLY A 62 -13.66 29.32 -14.14
N GLN A 63 -14.05 28.54 -13.16
CA GLN A 63 -14.28 27.12 -13.37
C GLN A 63 -15.75 26.88 -13.76
N THR A 64 -15.98 25.71 -14.34
CA THR A 64 -17.29 25.24 -14.79
C THR A 64 -17.72 24.06 -13.94
N SER A 65 -19.01 23.67 -14.09
CA SER A 65 -19.47 22.47 -13.41
C SER A 65 -18.65 21.22 -13.81
N SER A 66 -17.96 21.22 -14.96
CA SER A 66 -17.11 20.06 -15.27
C SER A 66 -15.90 20.01 -14.34
N HIS A 67 -15.29 21.18 -14.07
CA HIS A 67 -14.21 21.22 -13.09
C HIS A 67 -14.71 20.82 -11.71
N PHE A 68 -15.89 21.29 -11.31
CA PHE A 68 -16.43 20.93 -10.00
C PHE A 68 -16.58 19.43 -9.88
N LEU A 69 -17.07 18.78 -10.93
CA LEU A 69 -17.26 17.34 -10.87
C LEU A 69 -15.92 16.62 -10.66
N LEU A 70 -14.89 17.07 -11.37
CA LEU A 70 -13.56 16.46 -11.23
C LEU A 70 -12.97 16.65 -9.83
N ARG A 71 -13.18 17.83 -9.23
CA ARG A 71 -12.71 18.12 -7.87
C ARG A 71 -13.60 17.57 -6.78
N PHE A 72 -14.76 17.01 -7.12
CA PHE A 72 -15.77 16.75 -6.10
C PHE A 72 -15.26 15.76 -5.04
N ARG A 73 -14.64 14.66 -5.47
CA ARG A 73 -14.20 13.70 -4.46
C ARG A 73 -13.12 14.29 -3.55
N GLU A 74 -12.11 14.96 -4.13
CA GLU A 74 -11.00 15.46 -3.31
C GLU A 74 -11.41 16.67 -2.47
N ASP A 75 -12.20 17.56 -3.04
CA ASP A 75 -12.48 18.82 -2.36
C ASP A 75 -13.76 18.78 -1.54
N VAL A 76 -14.56 17.72 -1.67
CA VAL A 76 -15.78 17.62 -0.88
C VAL A 76 -15.83 16.30 -0.13
N ILE A 77 -15.86 15.19 -0.87
CA ILE A 77 -16.12 13.90 -0.21
C ILE A 77 -15.05 13.55 0.82
N LYS A 78 -13.78 13.76 0.47
CA LYS A 78 -12.73 13.36 1.40
C LYS A 78 -12.62 14.25 2.62
N LEU A 79 -13.32 15.38 2.64
CA LEU A 79 -13.33 16.25 3.81
C LEU A 79 -14.37 15.80 4.80
N ALA A 80 -15.04 14.67 4.52
CA ALA A 80 -16.12 14.09 5.30
C ALA A 80 -17.09 15.16 5.83
N PRO A 81 -17.65 16.01 4.97
CA PRO A 81 -18.57 17.03 5.47
C PRO A 81 -19.93 16.43 5.79
N ALA A 82 -20.65 17.11 6.68
CA ALA A 82 -22.08 16.82 6.85
C ALA A 82 -22.91 17.30 5.66
N LEU A 83 -22.47 18.34 4.96
CA LEU A 83 -23.31 19.04 3.99
C LEU A 83 -22.41 19.71 2.98
N VAL A 84 -22.85 19.77 1.71
CA VAL A 84 -22.14 20.53 0.69
C VAL A 84 -23.10 21.54 0.08
N VAL A 85 -22.65 22.78 -0.03
CA VAL A 85 -23.39 23.83 -0.70
C VAL A 85 -22.79 23.96 -2.11
N ILE A 86 -23.58 23.72 -3.14
CA ILE A 86 -23.07 23.69 -4.51
C ILE A 86 -23.66 24.87 -5.27
N ASN A 87 -22.81 25.86 -5.58
CA ASN A 87 -23.22 26.99 -6.41
C ASN A 87 -22.67 26.68 -7.80
N ALA A 88 -23.49 26.05 -8.63
CA ALA A 88 -23.04 25.60 -9.95
C ALA A 88 -24.22 25.73 -10.90
N GLY A 89 -23.92 25.97 -12.15
CA GLY A 89 -24.96 26.07 -13.15
C GLY A 89 -24.71 27.27 -14.03
N THR A 90 -25.24 28.42 -13.60
CA THR A 90 -25.13 29.71 -14.27
C THR A 90 -23.73 30.01 -14.79
N ASN A 91 -22.71 29.71 -13.99
CA ASN A 91 -21.33 30.02 -14.37
CA ASN A 91 -21.39 30.13 -14.45
C ASN A 91 -20.95 29.40 -15.71
N ASP A 92 -21.48 28.21 -16.00
CA ASP A 92 -21.11 27.52 -17.24
C ASP A 92 -21.54 28.32 -18.47
N ILE A 93 -22.63 29.08 -18.35
CA ILE A 93 -23.13 29.85 -19.47
C ILE A 93 -22.15 30.97 -19.82
N ALA A 94 -21.71 31.71 -18.81
CA ALA A 94 -20.65 32.70 -19.00
C ALA A 94 -19.38 32.05 -19.54
N GLU A 95 -18.86 31.04 -18.83
CA GLU A 95 -17.55 30.47 -19.16
C GLU A 95 -17.53 29.74 -20.50
N ASN A 96 -18.58 28.96 -20.80
CA ASN A 96 -18.52 28.14 -22.02
C ASN A 96 -19.05 28.87 -23.25
N ALA A 97 -19.67 30.03 -23.08
CA ALA A 97 -20.22 30.85 -24.16
C ALA A 97 -20.88 29.99 -25.23
N GLY A 98 -20.27 29.93 -26.42
CA GLY A 98 -20.89 29.25 -27.54
C GLY A 98 -20.99 27.75 -27.36
N ALA A 99 -20.06 27.16 -26.60
CA ALA A 99 -20.05 25.72 -26.35
C ALA A 99 -20.93 25.31 -25.17
N TYR A 100 -21.56 26.27 -24.49
CA TYR A 100 -22.48 25.91 -23.42
C TYR A 100 -23.53 24.92 -23.90
N ASN A 101 -23.78 23.91 -23.10
CA ASN A 101 -24.77 22.90 -23.43
C ASN A 101 -25.54 22.64 -22.14
N GLU A 102 -26.85 22.95 -22.15
CA GLU A 102 -27.64 22.83 -20.93
C GLU A 102 -27.69 21.39 -20.41
N GLU A 103 -27.80 20.41 -21.33
CA GLU A 103 -27.83 19.01 -20.89
C GLU A 103 -26.56 18.63 -20.15
N TYR A 104 -25.41 19.06 -20.66
CA TYR A 104 -24.11 18.72 -20.05
C TYR A 104 -23.95 19.41 -18.69
N THR A 105 -24.24 20.70 -18.63
CA THR A 105 -24.15 21.42 -17.36
C THR A 105 -25.11 20.82 -16.33
N PHE A 106 -26.38 20.70 -16.70
CA PHE A 106 -27.34 20.13 -15.77
C PHE A 106 -26.89 18.72 -15.34
N GLY A 107 -26.39 17.93 -16.28
CA GLY A 107 -25.98 16.58 -15.93
C GLY A 107 -24.82 16.56 -14.93
N ASN A 108 -23.91 17.54 -15.02
CA ASN A 108 -22.82 17.62 -14.04
C ASN A 108 -23.38 17.88 -12.65
N ILE A 109 -24.42 18.72 -12.56
CA ILE A 109 -25.00 19.01 -11.26
C ILE A 109 -25.67 17.76 -10.69
N VAL A 110 -26.43 17.04 -11.54
CA VAL A 110 -27.02 15.77 -11.11
C VAL A 110 -25.94 14.82 -10.59
N SER A 111 -24.84 14.69 -11.34
CA SER A 111 -23.73 13.81 -10.93
C SER A 111 -23.19 14.19 -9.56
N MET A 112 -22.92 15.47 -9.33
CA MET A 112 -22.47 15.80 -7.98
C MET A 112 -23.51 15.53 -6.91
N VAL A 113 -24.79 15.79 -7.17
CA VAL A 113 -25.79 15.44 -6.17
C VAL A 113 -25.75 13.95 -5.89
N GLU A 114 -25.65 13.13 -6.94
CA GLU A 114 -25.67 11.69 -6.71
C GLU A 114 -24.41 11.21 -5.97
N LEU A 115 -23.26 11.83 -6.23
CA LEU A 115 -22.04 11.47 -5.49
C LEU A 115 -22.14 11.87 -4.03
N ALA A 116 -22.74 13.03 -3.76
CA ALA A 116 -22.96 13.46 -2.39
C ALA A 116 -23.88 12.49 -1.67
N ARG A 117 -24.99 12.13 -2.31
CA ARG A 117 -25.93 11.24 -1.66
C ARG A 117 -25.35 9.85 -1.48
N ALA A 118 -24.59 9.37 -2.46
CA ALA A 118 -23.93 8.08 -2.25
C ALA A 118 -23.01 8.10 -1.04
N ASN A 119 -22.56 9.27 -0.62
CA ASN A 119 -21.64 9.35 0.50
C ASN A 119 -22.30 9.94 1.74
N LYS A 120 -23.63 9.94 1.78
CA LYS A 120 -24.38 10.41 2.95
C LYS A 120 -24.07 11.88 3.28
N ILE A 121 -23.79 12.68 2.25
CA ILE A 121 -23.55 14.11 2.39
C ILE A 121 -24.81 14.83 1.97
N LYS A 122 -25.40 15.65 2.85
CA LYS A 122 -26.57 16.42 2.45
C LYS A 122 -26.19 17.52 1.45
N VAL A 123 -27.18 18.00 0.67
CA VAL A 123 -26.90 18.96 -0.40
C VAL A 123 -27.81 20.17 -0.27
N ILE A 124 -27.26 21.35 -0.49
CA ILE A 124 -28.04 22.55 -0.78
C ILE A 124 -27.54 23.05 -2.12
N LEU A 125 -28.43 23.23 -3.07
CA LEU A 125 -28.03 23.84 -4.32
C LEU A 125 -28.29 25.34 -4.23
N THR A 126 -27.40 26.15 -4.79
CA THR A 126 -27.59 27.59 -4.79
C THR A 126 -27.33 28.17 -6.17
N SER A 127 -27.87 29.36 -6.35
CA SER A 127 -27.62 30.11 -7.57
C SER A 127 -27.66 31.59 -7.21
N VAL A 128 -26.78 32.37 -7.84
CA VAL A 128 -26.73 33.81 -7.64
C VAL A 128 -27.22 34.44 -8.92
N LEU A 129 -28.52 34.73 -8.97
CA LEU A 129 -29.16 35.09 -10.23
C LEU A 129 -28.86 36.55 -10.57
N PRO A 130 -28.14 36.83 -11.65
CA PRO A 130 -27.81 38.20 -12.00
C PRO A 130 -29.06 39.06 -12.16
N ALA A 131 -28.92 40.34 -11.83
CA ALA A 131 -30.08 41.23 -11.75
C ALA A 131 -30.74 41.40 -13.12
N ALA A 132 -29.94 41.71 -14.14
CA ALA A 132 -30.44 41.88 -15.50
C ALA A 132 -30.63 40.53 -16.21
N ALA A 133 -30.98 39.49 -15.46
CA ALA A 133 -31.37 38.22 -16.04
C ALA A 133 -32.89 38.04 -16.08
N PHE A 134 -33.65 39.10 -15.81
CA PHE A 134 -35.10 38.98 -15.81
C PHE A 134 -35.76 40.10 -16.60
N ALA A 142 -28.79 39.02 -23.04
CA ALA A 142 -28.60 38.10 -24.16
C ALA A 142 -28.73 36.65 -23.69
N ALA A 143 -28.05 36.33 -22.59
CA ALA A 143 -28.05 34.99 -21.99
C ALA A 143 -29.17 34.78 -21.00
N THR A 144 -30.09 35.75 -20.89
CA THR A 144 -31.29 35.58 -20.08
C THR A 144 -31.98 34.24 -20.32
N GLN A 145 -32.21 33.91 -21.59
CA GLN A 145 -32.90 32.67 -21.90
C GLN A 145 -32.20 31.46 -21.27
N ALA A 146 -30.90 31.31 -21.55
CA ALA A 146 -30.15 30.16 -21.02
C ALA A 146 -30.17 30.13 -19.50
N ILE A 147 -29.99 31.29 -18.87
CA ILE A 147 -29.91 31.38 -17.41
C ILE A 147 -31.22 30.97 -16.78
N ILE A 148 -32.34 31.56 -17.26
CA ILE A 148 -33.65 31.21 -16.72
C ILE A 148 -33.97 29.75 -16.99
N ASN A 149 -33.71 29.27 -18.21
CA ASN A 149 -34.04 27.88 -18.52
C ASN A 149 -33.27 26.92 -17.63
N LEU A 150 -31.98 27.18 -17.40
CA LEU A 150 -31.20 26.29 -16.54
C LEU A 150 -31.70 26.37 -15.10
N ASN A 151 -31.93 27.58 -14.60
CA ASN A 151 -32.35 27.72 -13.22
C ASN A 151 -33.69 27.01 -12.99
N THR A 152 -34.64 27.20 -13.90
CA THR A 152 -35.93 26.54 -13.75
C THR A 152 -35.77 25.03 -13.80
N ARG A 153 -34.98 24.52 -14.74
CA ARG A 153 -34.72 23.07 -14.79
C ARG A 153 -34.15 22.55 -13.46
N ILE A 154 -33.19 23.27 -12.88
CA ILE A 154 -32.63 22.85 -11.58
C ILE A 154 -33.70 22.91 -10.50
N ILE A 155 -34.52 23.96 -10.50
CA ILE A 155 -35.59 24.06 -9.50
C ILE A 155 -36.52 22.85 -9.59
N ASN A 156 -36.96 22.50 -10.80
CA ASN A 156 -37.84 21.34 -10.94
C ASN A 156 -37.18 20.05 -10.46
N TYR A 157 -35.92 19.84 -10.84
CA TYR A 157 -35.16 18.69 -10.35
C TYR A 157 -35.06 18.70 -8.83
N ALA A 158 -34.77 19.85 -8.25
CA ALA A 158 -34.66 19.96 -6.79
C ALA A 158 -35.96 19.60 -6.11
N ILE A 159 -37.08 20.09 -6.65
CA ILE A 159 -38.37 19.81 -6.03
C ILE A 159 -38.66 18.32 -6.10
N GLU A 160 -38.47 17.74 -7.29
CA GLU A 160 -38.76 16.33 -7.50
C GLU A 160 -37.91 15.44 -6.61
N ASN A 161 -36.67 15.85 -6.30
CA ASN A 161 -35.80 15.00 -5.49
C ASN A 161 -35.62 15.50 -4.07
N LYS A 162 -36.46 16.42 -3.61
CA LYS A 162 -36.40 16.99 -2.26
C LYS A 162 -34.99 17.47 -1.92
N ILE A 163 -34.42 18.27 -2.80
CA ILE A 163 -33.12 18.91 -2.57
C ILE A 163 -33.39 20.35 -2.16
N PRO A 164 -32.99 20.77 -0.98
CA PRO A 164 -33.20 22.16 -0.57
C PRO A 164 -32.39 23.06 -1.47
N PHE A 165 -32.89 24.27 -1.72
CA PHE A 165 -32.04 25.15 -2.50
C PHE A 165 -32.22 26.61 -2.08
N VAL A 166 -31.28 27.44 -2.52
CA VAL A 166 -31.28 28.87 -2.19
C VAL A 166 -30.99 29.65 -3.46
N ASP A 167 -31.90 30.54 -3.83
CA ASP A 167 -31.73 31.45 -4.95
C ASP A 167 -31.37 32.82 -4.37
N TYR A 168 -30.09 33.16 -4.34
CA TYR A 168 -29.68 34.48 -3.86
C TYR A 168 -30.12 35.53 -4.88
N PHE A 169 -30.79 36.57 -4.43
CA PHE A 169 -31.26 37.63 -5.30
C PHE A 169 -30.23 38.75 -5.31
N VAL A 170 -29.72 39.08 -6.51
CA VAL A 170 -28.84 40.23 -6.71
C VAL A 170 -29.70 41.40 -7.20
N GLU A 171 -29.72 42.48 -6.41
CA GLU A 171 -30.44 43.70 -6.74
C GLU A 171 -29.90 44.32 -8.03
N MET A 172 -30.66 45.26 -8.59
CA MET A 172 -30.10 46.14 -9.62
C MET A 172 -29.04 47.04 -9.00
N ALA A 173 -27.96 47.27 -9.73
CA ALA A 173 -26.80 48.02 -9.22
C ALA A 173 -27.14 49.49 -8.93
N SER A 182 -27.07 50.34 -5.40
CA SER A 182 -27.16 49.22 -4.47
C SER A 182 -25.90 49.09 -3.63
N SER A 183 -26.06 48.94 -2.32
CA SER A 183 -24.94 48.65 -1.44
C SER A 183 -24.57 47.16 -1.44
N TYR A 184 -25.29 46.32 -2.18
CA TYR A 184 -25.03 44.88 -2.17
C TYR A 184 -24.34 44.39 -3.43
N THR A 185 -24.24 45.20 -4.47
CA THR A 185 -23.54 44.79 -5.67
C THR A 185 -23.13 46.04 -6.42
N ARG A 186 -21.98 45.95 -7.07
CA ARG A 186 -21.44 47.05 -7.87
C ARG A 186 -21.85 46.93 -9.34
N ASP A 187 -21.90 45.71 -9.84
CA ASP A 187 -22.16 45.44 -11.24
C ASP A 187 -23.46 44.68 -11.48
N GLY A 188 -24.26 44.43 -10.45
CA GLY A 188 -25.45 43.62 -10.59
C GLY A 188 -25.20 42.13 -10.79
N VAL A 189 -23.98 41.67 -10.51
CA VAL A 189 -23.61 40.28 -10.74
C VAL A 189 -22.91 39.73 -9.50
N HIS A 190 -21.95 40.52 -8.95
CA HIS A 190 -21.16 40.07 -7.83
C HIS A 190 -21.56 40.81 -6.56
N PRO A 191 -21.53 40.12 -5.42
CA PRO A 191 -21.82 40.82 -4.16
C PRO A 191 -20.65 41.71 -3.73
N THR A 192 -21.01 42.84 -3.16
CA THR A 192 -20.06 43.55 -2.31
C THR A 192 -19.88 42.80 -0.99
N LEU A 193 -18.95 43.28 -0.17
CA LEU A 193 -18.83 42.74 1.18
C LEU A 193 -20.18 42.77 1.90
N GLU A 194 -20.88 43.92 1.83
CA GLU A 194 -22.21 44.00 2.44
C GLU A 194 -23.16 43.00 1.82
N GLY A 195 -23.07 42.79 0.50
CA GLY A 195 -23.87 41.76 -0.15
C GLY A 195 -23.56 40.36 0.37
N TYR A 196 -22.28 40.07 0.64
CA TYR A 196 -21.91 38.78 1.23
C TYR A 196 -22.51 38.64 2.64
N LYS A 197 -22.48 39.72 3.42
CA LYS A 197 -23.01 39.67 4.78
C LYS A 197 -24.47 39.22 4.77
N VAL A 198 -25.29 39.74 3.85
CA VAL A 198 -26.68 39.31 3.84
C VAL A 198 -26.83 37.90 3.28
N MET A 199 -25.97 37.47 2.35
CA MET A 199 -26.04 36.07 1.91
C MET A 199 -25.72 35.11 3.04
N GLU A 200 -24.90 35.54 4.01
CA GLU A 200 -24.48 34.69 5.13
C GLU A 200 -25.66 34.31 6.03
N ALA A 201 -26.47 35.29 6.42
CA ALA A 201 -27.61 35.00 7.27
C ALA A 201 -28.56 34.00 6.61
N LEU A 202 -28.81 34.20 5.31
CA LEU A 202 -29.66 33.31 4.51
C LEU A 202 -29.10 31.89 4.41
N ILE A 203 -27.84 31.76 3.98
CA ILE A 203 -27.31 30.40 3.84
C ILE A 203 -27.23 29.72 5.19
N LYS A 204 -26.95 30.45 6.27
CA LYS A 204 -26.88 29.82 7.58
C LYS A 204 -28.24 29.26 7.98
N LYS A 205 -29.30 30.00 7.69
CA LYS A 205 -30.64 29.50 7.98
C LYS A 205 -30.88 28.18 7.27
N ALA A 206 -30.48 28.11 6.00
CA ALA A 206 -30.67 26.91 5.20
C ALA A 206 -29.85 25.76 5.76
N ILE A 207 -28.57 26.02 6.03
CA ILE A 207 -27.66 25.01 6.56
C ILE A 207 -28.16 24.48 7.90
N ASP A 208 -28.47 25.39 8.83
CA ASP A 208 -28.82 24.89 10.16
C ASP A 208 -30.14 24.14 10.12
N LYS A 209 -31.07 24.53 9.23
CA LYS A 209 -32.27 23.71 9.07
C LYS A 209 -31.91 22.32 8.53
N VAL A 210 -31.04 22.25 7.51
CA VAL A 210 -30.72 20.95 6.94
C VAL A 210 -29.97 20.09 7.94
N LEU A 211 -29.02 20.69 8.67
CA LEU A 211 -28.24 19.91 9.64
C LEU A 211 -29.11 19.47 10.81
N GLY A 212 -30.07 20.29 11.22
CA GLY A 212 -30.91 19.91 12.35
C GLY A 212 -31.87 18.79 12.00
N SER A 213 -32.39 18.79 10.78
CA SER A 213 -33.45 17.85 10.38
C SER A 213 -32.97 16.40 10.36
N GLN B 6 -11.71 23.45 -24.91
CA GLN B 6 -13.05 23.66 -24.35
C GLN B 6 -13.72 22.36 -23.84
N ASP B 7 -14.11 21.50 -24.80
CA ASP B 7 -14.73 20.20 -24.53
C ASP B 7 -13.61 19.23 -24.17
N TRP B 8 -13.01 19.49 -23.00
CA TRP B 8 -11.83 18.72 -22.59
C TRP B 8 -12.13 17.24 -22.45
N GLY B 9 -13.31 16.89 -21.94
CA GLY B 9 -13.71 15.48 -21.83
C GLY B 9 -13.99 14.78 -23.17
N ASN B 10 -14.08 15.54 -24.26
CA ASN B 10 -14.47 15.02 -25.57
C ASN B 10 -15.85 14.33 -25.53
N LEU B 11 -16.81 15.03 -24.95
CA LEU B 11 -18.20 14.63 -25.10
C LEU B 11 -18.64 14.66 -26.56
N LYS B 12 -17.97 15.43 -27.41
CA LYS B 12 -18.39 15.49 -28.81
C LYS B 12 -18.21 14.15 -29.51
N ARG B 13 -17.22 13.36 -29.10
CA ARG B 13 -16.83 12.19 -29.89
C ARG B 13 -18.02 11.30 -30.16
N TYR B 14 -18.79 10.96 -29.13
CA TYR B 14 -19.90 10.03 -29.27
C TYR B 14 -21.27 10.71 -29.26
N ALA B 15 -21.33 12.04 -29.25
CA ALA B 15 -22.62 12.70 -29.07
C ALA B 15 -23.62 12.27 -30.15
N GLU B 16 -23.17 12.26 -31.40
CA GLU B 16 -24.07 11.90 -32.49
C GLU B 16 -24.41 10.41 -32.45
N ALA B 17 -23.41 9.56 -32.18
CA ALA B 17 -23.67 8.13 -32.09
C ALA B 17 -24.60 7.79 -30.94
N ASN B 18 -24.53 8.53 -29.82
CA ASN B 18 -25.49 8.32 -28.73
C ASN B 18 -26.92 8.65 -29.18
N LYS B 19 -27.10 9.78 -29.86
CA LYS B 19 -28.41 10.13 -30.41
C LYS B 19 -28.99 9.01 -31.27
N GLU B 20 -28.21 8.52 -32.24
CA GLU B 20 -28.69 7.46 -33.11
C GLU B 20 -29.00 6.19 -32.34
N LEU B 21 -28.29 5.93 -31.22
CA LEU B 21 -28.58 4.74 -30.41
C LEU B 21 -29.93 4.87 -29.71
N VAL B 22 -30.18 6.02 -29.09
CA VAL B 22 -31.48 6.24 -28.45
C VAL B 22 -32.60 6.20 -29.47
N ARG B 23 -32.33 6.67 -30.70
CA ARG B 23 -33.34 6.60 -31.75
C ARG B 23 -33.73 5.16 -32.06
N LYS B 24 -32.80 4.21 -31.91
CA LYS B 24 -33.10 2.83 -32.23
C LYS B 24 -33.83 2.08 -31.11
N GLY B 25 -34.22 2.77 -30.04
CA GLY B 25 -35.01 2.15 -29.00
C GLY B 25 -34.19 1.55 -27.88
N LYS B 26 -34.90 1.13 -26.83
CA LYS B 26 -34.27 0.65 -25.62
C LYS B 26 -33.86 -0.81 -25.77
N GLN B 27 -32.71 -1.16 -25.20
CA GLN B 27 -32.20 -2.53 -25.23
C GLN B 27 -31.98 -3.00 -23.79
N LYS B 28 -32.56 -4.14 -23.44
CA LYS B 28 -32.60 -4.56 -22.04
C LYS B 28 -31.21 -4.93 -21.50
N ASP B 29 -30.38 -5.60 -22.30
CA ASP B 29 -29.12 -6.12 -21.78
C ASP B 29 -27.90 -5.40 -22.38
N ARG B 30 -28.03 -4.15 -22.76
CA ARG B 30 -26.88 -3.42 -23.28
C ARG B 30 -25.75 -3.34 -22.26
N VAL B 31 -24.53 -3.56 -22.72
CA VAL B 31 -23.31 -3.41 -21.92
C VAL B 31 -22.46 -2.31 -22.56
N VAL B 32 -22.05 -1.31 -21.77
CA VAL B 32 -21.19 -0.25 -22.28
C VAL B 32 -19.78 -0.47 -21.76
N PHE B 33 -18.78 -0.39 -22.65
CA PHE B 33 -17.38 -0.49 -22.28
C PHE B 33 -16.78 0.92 -22.24
N MET B 34 -16.28 1.34 -21.09
CA MET B 34 -15.71 2.67 -20.92
C MET B 34 -14.20 2.45 -20.85
N GLY B 35 -13.42 3.26 -21.57
CA GLY B 35 -12.00 2.99 -21.63
C GLY B 35 -11.26 3.95 -22.54
N ASN B 36 -9.97 3.67 -22.71
CA ASN B 36 -9.03 4.52 -23.41
C ASN B 36 -8.72 3.92 -24.79
N SER B 37 -7.49 4.07 -25.27
CA SER B 37 -7.09 3.48 -26.56
C SER B 37 -7.32 1.98 -26.61
N ILE B 38 -7.15 1.29 -25.49
CA ILE B 38 -7.34 -0.15 -25.50
C ILE B 38 -8.77 -0.49 -25.89
N THR B 39 -9.73 0.21 -25.28
CA THR B 39 -11.14 -0.06 -25.55
C THR B 39 -11.55 0.48 -26.93
N GLU B 40 -11.06 1.67 -27.31
CA GLU B 40 -11.35 2.20 -28.65
C GLU B 40 -10.82 1.27 -29.72
N GLY B 41 -9.60 0.77 -29.53
CA GLY B 41 -9.02 -0.09 -30.54
C GLY B 41 -9.64 -1.47 -30.56
N TRP B 42 -10.28 -1.86 -29.47
CA TRP B 42 -10.97 -3.15 -29.42
C TRP B 42 -12.15 -3.17 -30.39
N VAL B 43 -12.94 -2.10 -30.38
CA VAL B 43 -14.02 -2.00 -31.37
C VAL B 43 -13.46 -1.90 -32.79
N ALA B 44 -12.35 -1.19 -32.97
CA ALA B 44 -11.78 -1.08 -34.33
C ALA B 44 -11.31 -2.44 -34.84
N ASN B 45 -10.64 -3.22 -33.99
CA ASN B 45 -10.04 -4.48 -34.42
C ASN B 45 -11.07 -5.61 -34.45
N ASP B 46 -12.11 -5.55 -33.61
CA ASP B 46 -13.02 -6.69 -33.51
C ASP B 46 -14.45 -6.21 -33.28
N ALA B 47 -14.98 -5.48 -34.27
CA ALA B 47 -16.33 -4.95 -34.14
C ALA B 47 -17.35 -6.05 -33.87
N ALA B 48 -17.15 -7.24 -34.47
CA ALA B 48 -18.12 -8.31 -34.36
C ALA B 48 -18.34 -8.73 -32.91
N PHE B 49 -17.28 -8.71 -32.10
CA PHE B 49 -17.43 -9.06 -30.68
C PHE B 49 -18.47 -8.17 -30.00
N PHE B 50 -18.49 -6.88 -30.35
CA PHE B 50 -19.45 -5.95 -29.76
C PHE B 50 -20.83 -6.12 -30.40
N GLU B 51 -20.89 -6.10 -31.72
CA GLU B 51 -22.17 -6.22 -32.42
C GLU B 51 -22.86 -7.54 -32.09
N ASP B 52 -22.11 -8.66 -32.15
CA ASP B 52 -22.73 -9.97 -31.92
C ASP B 52 -23.30 -10.10 -30.52
N ASN B 53 -22.67 -9.45 -29.52
CA ASN B 53 -23.12 -9.63 -28.13
C ASN B 53 -23.94 -8.48 -27.59
N GLY B 54 -24.27 -7.48 -28.41
CA GLY B 54 -25.02 -6.36 -27.90
C GLY B 54 -24.25 -5.49 -26.93
N TYR B 55 -22.96 -5.25 -27.21
CA TYR B 55 -22.10 -4.37 -26.43
C TYR B 55 -21.85 -3.08 -27.18
N VAL B 56 -21.64 -1.99 -26.43
CA VAL B 56 -21.39 -0.67 -26.99
C VAL B 56 -20.02 -0.21 -26.49
N GLY B 57 -19.12 0.11 -27.41
CA GLY B 57 -17.79 0.58 -27.05
C GLY B 57 -17.80 2.10 -26.97
N ARG B 58 -17.35 2.63 -25.83
CA ARG B 58 -17.21 4.08 -25.67
C ARG B 58 -15.77 4.47 -25.31
N GLY B 59 -14.80 3.77 -25.90
CA GLY B 59 -13.40 4.13 -25.69
C GLY B 59 -12.99 5.33 -26.51
N ILE B 60 -12.07 6.13 -25.93
CA ILE B 60 -11.43 7.23 -26.64
C ILE B 60 -9.93 7.17 -26.38
N GLY B 61 -9.14 7.29 -27.45
CA GLY B 61 -7.71 7.06 -27.32
C GLY B 61 -7.03 8.08 -26.41
N GLY B 62 -6.06 7.61 -25.64
CA GLY B 62 -5.29 8.52 -24.81
C GLY B 62 -5.98 9.03 -23.56
N GLN B 63 -7.24 8.66 -23.29
CA GLN B 63 -7.96 9.36 -22.22
C GLN B 63 -7.66 8.75 -20.86
N THR B 64 -7.76 9.57 -19.82
CA THR B 64 -7.55 9.18 -18.43
C THR B 64 -8.89 8.96 -17.73
N SER B 65 -8.81 8.39 -16.51
CA SER B 65 -9.99 8.24 -15.69
C SER B 65 -10.70 9.58 -15.44
N SER B 66 -9.99 10.71 -15.52
CA SER B 66 -10.66 12.01 -15.33
C SER B 66 -11.56 12.31 -16.52
N HIS B 67 -11.08 12.05 -17.75
CA HIS B 67 -11.96 12.20 -18.91
C HIS B 67 -13.19 11.32 -18.78
N PHE B 68 -12.98 10.05 -18.37
CA PHE B 68 -14.09 9.12 -18.26
C PHE B 68 -15.15 9.63 -17.30
N LEU B 69 -14.71 10.17 -16.16
CA LEU B 69 -15.69 10.70 -15.21
C LEU B 69 -16.52 11.81 -15.87
N LEU B 70 -15.90 12.70 -16.64
CA LEU B 70 -16.66 13.75 -17.33
C LEU B 70 -17.65 13.18 -18.34
N ARG B 71 -17.28 12.09 -19.03
CA ARG B 71 -18.13 11.49 -20.07
C ARG B 71 -19.14 10.49 -19.51
N PHE B 72 -19.07 10.14 -18.22
CA PHE B 72 -19.79 8.97 -17.72
C PHE B 72 -21.31 9.10 -17.91
N ARG B 73 -21.88 10.26 -17.57
CA ARG B 73 -23.33 10.40 -17.71
C ARG B 73 -23.77 10.32 -19.17
N GLU B 74 -23.08 11.02 -20.07
CA GLU B 74 -23.56 11.05 -21.46
C GLU B 74 -23.27 9.72 -22.16
N ASP B 75 -22.11 9.11 -21.88
CA ASP B 75 -21.70 7.96 -22.66
C ASP B 75 -22.02 6.64 -22.00
N VAL B 76 -22.47 6.66 -20.76
CA VAL B 76 -22.87 5.44 -20.09
C VAL B 76 -24.31 5.58 -19.61
N ILE B 77 -24.56 6.52 -18.68
CA ILE B 77 -25.84 6.53 -18.00
C ILE B 77 -26.99 6.76 -18.99
N LYS B 78 -26.82 7.73 -19.87
CA LYS B 78 -27.90 8.05 -20.79
C LYS B 78 -28.13 6.94 -21.81
N LEU B 79 -27.26 5.94 -21.89
CA LEU B 79 -27.51 4.81 -22.78
C LEU B 79 -28.35 3.73 -22.12
N ALA B 80 -28.80 3.96 -20.89
CA ALA B 80 -29.60 3.00 -20.14
C ALA B 80 -29.09 1.56 -20.18
N PRO B 81 -27.79 1.33 -19.94
CA PRO B 81 -27.26 -0.03 -20.04
C PRO B 81 -27.61 -0.86 -18.80
N ALA B 82 -27.64 -2.19 -19.00
CA ALA B 82 -27.68 -3.08 -17.84
C ALA B 82 -26.38 -3.05 -17.04
N LEU B 83 -25.28 -2.76 -17.68
CA LEU B 83 -23.96 -3.06 -17.09
C LEU B 83 -22.92 -2.18 -17.78
N VAL B 84 -21.94 -1.71 -17.02
CA VAL B 84 -20.79 -0.97 -17.56
C VAL B 84 -19.50 -1.70 -17.15
N VAL B 85 -18.62 -1.92 -18.12
CA VAL B 85 -17.28 -2.46 -17.90
C VAL B 85 -16.33 -1.28 -17.89
N ILE B 86 -15.57 -1.10 -16.81
CA ILE B 86 -14.67 0.04 -16.69
C ILE B 86 -13.24 -0.48 -16.78
N ASN B 87 -12.47 0.06 -17.72
CA ASN B 87 -11.02 -0.18 -17.79
C ASN B 87 -10.37 1.21 -17.84
N ALA B 88 -9.77 1.62 -16.73
CA ALA B 88 -9.25 2.97 -16.61
C ALA B 88 -7.90 2.94 -15.88
N GLY B 89 -7.00 3.81 -16.27
CA GLY B 89 -5.73 3.86 -15.55
C GLY B 89 -4.51 3.84 -16.41
N THR B 90 -4.58 3.18 -17.58
CA THR B 90 -3.39 3.07 -18.42
C THR B 90 -2.81 4.45 -18.75
N ASN B 91 -3.66 5.37 -19.20
CA ASN B 91 -3.15 6.69 -19.54
C ASN B 91 -2.93 7.59 -18.33
N ASP B 92 -3.65 7.39 -17.24
CA ASP B 92 -3.27 8.07 -16.01
C ASP B 92 -1.81 7.81 -15.67
N ILE B 93 -1.40 6.56 -15.79
CA ILE B 93 -0.04 6.14 -15.42
C ILE B 93 0.95 6.54 -16.51
N ALA B 94 0.52 6.49 -17.78
CA ALA B 94 1.41 6.87 -18.87
C ALA B 94 1.76 8.35 -18.86
N GLU B 95 0.94 9.18 -18.22
CA GLU B 95 1.19 10.61 -18.02
C GLU B 95 1.19 11.39 -19.35
N ASN B 96 0.51 10.89 -20.39
CA ASN B 96 0.41 11.68 -21.61
C ASN B 96 -0.45 12.92 -21.42
N ALA B 97 -1.29 12.95 -20.37
CA ALA B 97 -2.15 14.11 -20.11
C ALA B 97 -1.85 14.78 -18.77
N GLY B 98 -0.70 14.47 -18.16
CA GLY B 98 -0.36 15.07 -16.87
C GLY B 98 0.19 14.10 -15.86
N ALA B 99 0.63 14.63 -14.71
CA ALA B 99 1.25 13.82 -13.66
C ALA B 99 0.27 12.79 -13.08
N TYR B 100 0.81 11.62 -12.72
CA TYR B 100 0.00 10.55 -12.14
C TYR B 100 -0.14 10.69 -10.63
N ASN B 101 -1.37 10.51 -10.15
CA ASN B 101 -1.67 10.44 -8.72
C ASN B 101 -2.62 9.24 -8.53
N GLU B 102 -2.15 8.19 -7.83
CA GLU B 102 -3.01 7.02 -7.60
C GLU B 102 -4.32 7.34 -6.88
N GLU B 103 -4.28 8.21 -5.87
CA GLU B 103 -5.52 8.54 -5.15
C GLU B 103 -6.53 9.17 -6.10
N TYR B 104 -6.08 10.09 -6.93
CA TYR B 104 -6.98 10.78 -7.86
C TYR B 104 -7.59 9.78 -8.84
N THR B 105 -6.73 8.94 -9.44
CA THR B 105 -7.20 7.97 -10.43
C THR B 105 -8.12 6.94 -9.80
N PHE B 106 -7.69 6.32 -8.70
CA PHE B 106 -8.58 5.38 -8.03
C PHE B 106 -9.89 6.07 -7.64
N GLY B 107 -9.82 7.31 -7.13
CA GLY B 107 -11.04 7.99 -6.73
C GLY B 107 -11.97 8.27 -7.91
N ASN B 108 -11.40 8.53 -9.11
CA ASN B 108 -12.28 8.69 -10.26
C ASN B 108 -13.00 7.38 -10.57
N ILE B 109 -12.32 6.25 -10.42
CA ILE B 109 -12.98 4.97 -10.68
C ILE B 109 -14.11 4.75 -9.68
N VAL B 110 -13.86 5.06 -8.40
CA VAL B 110 -14.90 4.90 -7.39
C VAL B 110 -16.08 5.81 -7.73
N SER B 111 -15.81 7.03 -8.21
CA SER B 111 -16.90 7.96 -8.53
C SER B 111 -17.77 7.42 -9.64
N MET B 112 -17.14 6.86 -10.68
CA MET B 112 -17.92 6.20 -11.72
C MET B 112 -18.75 5.05 -11.16
N VAL B 113 -18.18 4.25 -10.26
CA VAL B 113 -18.93 3.13 -9.68
C VAL B 113 -20.15 3.65 -8.94
N GLU B 114 -19.99 4.74 -8.17
CA GLU B 114 -21.09 5.27 -7.39
C GLU B 114 -22.17 5.87 -8.29
N LEU B 115 -21.77 6.54 -9.38
CA LEU B 115 -22.74 7.04 -10.34
C LEU B 115 -23.51 5.89 -10.99
N ALA B 116 -22.81 4.84 -11.38
CA ALA B 116 -23.46 3.65 -11.92
C ALA B 116 -24.47 3.10 -10.93
N ARG B 117 -24.05 2.92 -9.68
CA ARG B 117 -24.95 2.31 -8.72
C ARG B 117 -26.15 3.20 -8.45
N ALA B 118 -25.94 4.53 -8.45
CA ALA B 118 -27.07 5.48 -8.26
C ALA B 118 -28.10 5.36 -9.36
N ASN B 119 -27.71 4.77 -10.48
CA ASN B 119 -28.56 4.69 -11.65
C ASN B 119 -28.93 3.24 -11.98
N LYS B 120 -28.73 2.34 -11.02
CA LYS B 120 -29.12 0.94 -11.15
C LYS B 120 -28.41 0.26 -12.32
N ILE B 121 -27.18 0.67 -12.57
CA ILE B 121 -26.33 0.06 -13.60
C ILE B 121 -25.30 -0.81 -12.89
N LYS B 122 -25.24 -2.09 -13.27
CA LYS B 122 -24.24 -3.01 -12.72
C LYS B 122 -22.86 -2.65 -13.23
N VAL B 123 -21.83 -3.07 -12.48
CA VAL B 123 -20.45 -2.71 -12.79
C VAL B 123 -19.59 -3.97 -12.87
N ILE B 124 -18.70 -4.01 -13.85
CA ILE B 124 -17.54 -4.90 -13.82
C ILE B 124 -16.31 -4.01 -13.84
N LEU B 125 -15.45 -4.16 -12.84
CA LEU B 125 -14.17 -3.50 -12.78
C LEU B 125 -13.08 -4.41 -13.37
N THR B 126 -11.98 -3.81 -13.83
CA THR B 126 -10.98 -4.57 -14.58
C THR B 126 -9.59 -4.05 -14.26
N SER B 127 -8.62 -4.93 -14.48
CA SER B 127 -7.24 -4.56 -14.23
C SER B 127 -6.73 -3.68 -15.36
N VAL B 128 -5.98 -2.65 -14.98
CA VAL B 128 -5.14 -1.98 -15.95
C VAL B 128 -4.17 -2.98 -16.57
N LEU B 129 -3.98 -2.90 -17.89
CA LEU B 129 -3.16 -3.89 -18.56
C LEU B 129 -1.65 -3.71 -18.23
N PRO B 130 -0.85 -4.76 -18.39
CA PRO B 130 0.61 -4.61 -18.18
C PRO B 130 1.22 -3.61 -19.16
N ALA B 131 2.26 -2.90 -18.68
CA ALA B 131 3.04 -2.01 -19.54
C ALA B 131 3.95 -2.81 -20.46
N ALA B 132 4.17 -2.29 -21.66
CA ALA B 132 4.96 -2.98 -22.67
C ALA B 132 6.39 -2.46 -22.64
N ALA B 133 7.35 -3.37 -22.53
CA ALA B 133 8.75 -3.00 -22.50
C ALA B 133 9.26 -2.83 -23.92
N PHE B 134 10.01 -1.75 -24.16
CA PHE B 134 10.52 -1.52 -25.50
C PHE B 134 11.63 -0.49 -25.44
N GLY B 135 12.68 -0.75 -26.20
CA GLY B 135 13.67 0.28 -26.49
C GLY B 135 14.32 0.85 -25.24
N TRP B 136 14.43 2.18 -25.23
CA TRP B 136 15.15 2.88 -24.17
C TRP B 136 14.22 3.78 -23.38
N ASN B 137 13.06 3.25 -22.98
CA ASN B 137 12.09 4.03 -22.23
C ASN B 137 12.25 3.68 -20.76
N PRO B 138 12.90 4.53 -19.95
CA PRO B 138 13.20 4.13 -18.57
C PRO B 138 11.99 4.08 -17.66
N SER B 139 10.87 4.70 -18.06
CA SER B 139 9.69 4.82 -17.24
C SER B 139 8.93 3.50 -17.03
N VAL B 140 9.33 2.42 -17.73
CA VAL B 140 8.45 1.25 -17.81
C VAL B 140 8.44 0.47 -16.50
N LYS B 141 9.60 0.37 -15.83
CA LYS B 141 9.64 -0.37 -14.57
C LYS B 141 8.84 0.36 -13.49
N ALA B 142 8.90 1.68 -13.45
CA ALA B 142 8.09 2.39 -12.47
C ALA B 142 6.62 2.32 -12.84
N ALA B 143 6.30 2.29 -14.14
CA ALA B 143 4.89 2.16 -14.55
C ALA B 143 4.33 0.82 -14.13
N THR B 144 5.12 -0.25 -14.24
CA THR B 144 4.64 -1.58 -13.86
C THR B 144 4.30 -1.61 -12.37
N GLN B 145 5.14 -0.99 -11.52
CA GLN B 145 4.83 -0.98 -10.10
C GLN B 145 3.58 -0.16 -9.83
N ALA B 146 3.43 0.97 -10.50
CA ALA B 146 2.21 1.77 -10.37
C ALA B 146 0.98 0.99 -10.81
N ILE B 147 1.09 0.24 -11.92
CA ILE B 147 -0.04 -0.51 -12.44
C ILE B 147 -0.46 -1.58 -11.45
N ILE B 148 0.51 -2.31 -10.90
CA ILE B 148 0.20 -3.34 -9.93
C ILE B 148 -0.41 -2.73 -8.69
N ASN B 149 0.13 -1.59 -8.22
CA ASN B 149 -0.44 -0.96 -7.02
C ASN B 149 -1.87 -0.46 -7.28
N LEU B 150 -2.10 0.12 -8.45
CA LEU B 150 -3.45 0.60 -8.75
C LEU B 150 -4.41 -0.58 -8.85
N ASN B 151 -4.01 -1.65 -9.55
CA ASN B 151 -4.88 -2.82 -9.64
C ASN B 151 -5.18 -3.41 -8.29
N THR B 152 -4.23 -3.35 -7.36
CA THR B 152 -4.52 -3.79 -6.00
C THR B 152 -5.60 -2.91 -5.35
N ARG B 153 -5.52 -1.59 -5.51
CA ARG B 153 -6.58 -0.73 -4.96
C ARG B 153 -7.93 -1.10 -5.58
N ILE B 154 -7.95 -1.34 -6.90
CA ILE B 154 -9.20 -1.69 -7.56
C ILE B 154 -9.71 -3.02 -7.05
N ILE B 155 -8.84 -4.02 -6.94
CA ILE B 155 -9.40 -5.32 -6.61
C ILE B 155 -9.90 -5.32 -5.16
N ASN B 156 -9.24 -4.58 -4.24
CA ASN B 156 -9.72 -4.59 -2.86
C ASN B 156 -11.04 -3.85 -2.73
N TYR B 157 -11.20 -2.79 -3.51
CA TYR B 157 -12.48 -2.08 -3.57
C TYR B 157 -13.56 -2.98 -4.15
N ALA B 158 -13.24 -3.73 -5.22
CA ALA B 158 -14.22 -4.64 -5.79
C ALA B 158 -14.66 -5.69 -4.77
N ILE B 159 -13.71 -6.24 -4.02
CA ILE B 159 -14.02 -7.24 -3.02
C ILE B 159 -14.89 -6.62 -1.93
N GLU B 160 -14.54 -5.41 -1.51
CA GLU B 160 -15.27 -4.78 -0.42
C GLU B 160 -16.72 -4.54 -0.82
N ASN B 161 -16.97 -4.30 -2.10
CA ASN B 161 -18.29 -3.93 -2.58
C ASN B 161 -18.98 -5.06 -3.37
N LYS B 162 -18.41 -6.25 -3.37
CA LYS B 162 -18.97 -7.40 -4.08
C LYS B 162 -19.17 -7.06 -5.55
N ILE B 163 -18.16 -6.44 -6.15
CA ILE B 163 -18.16 -6.11 -7.57
C ILE B 163 -17.21 -7.08 -8.28
N PRO B 164 -17.61 -7.68 -9.41
CA PRO B 164 -16.69 -8.59 -10.11
C PRO B 164 -15.49 -7.80 -10.63
N PHE B 165 -14.31 -8.42 -10.56
CA PHE B 165 -13.04 -7.87 -11.04
C PHE B 165 -12.46 -8.83 -12.06
N VAL B 166 -12.25 -8.36 -13.30
CA VAL B 166 -11.70 -9.19 -14.38
C VAL B 166 -10.22 -8.84 -14.51
N ASP B 167 -9.37 -9.84 -14.30
CA ASP B 167 -7.94 -9.65 -14.20
C ASP B 167 -7.32 -9.96 -15.57
N TYR B 168 -7.42 -8.98 -16.48
CA TYR B 168 -6.68 -9.11 -17.74
C TYR B 168 -5.18 -9.23 -17.47
N PHE B 169 -4.70 -8.42 -16.54
CA PHE B 169 -3.26 -8.33 -16.27
C PHE B 169 -2.63 -9.70 -16.04
N VAL B 170 -3.22 -10.52 -15.16
CA VAL B 170 -2.54 -11.77 -14.81
C VAL B 170 -2.45 -12.67 -16.02
N GLU B 171 -3.41 -12.58 -16.95
CA GLU B 171 -3.32 -13.41 -18.14
C GLU B 171 -2.43 -12.83 -19.22
N MET B 172 -2.01 -11.55 -19.12
CA MET B 172 -1.30 -10.93 -20.24
C MET B 172 0.12 -10.50 -19.89
N ALA B 173 0.53 -10.63 -18.64
CA ALA B 173 1.85 -10.22 -18.20
C ALA B 173 2.81 -11.41 -18.26
N GLN B 174 4.10 -11.12 -18.16
CA GLN B 174 5.08 -12.18 -18.23
C GLN B 174 6.11 -11.97 -17.11
N SER B 175 6.76 -13.08 -16.73
CA SER B 175 7.72 -13.13 -15.65
C SER B 175 9.14 -13.04 -16.21
N PRO B 176 10.10 -12.42 -15.50
CA PRO B 176 10.07 -11.95 -14.13
C PRO B 176 9.65 -10.50 -13.93
N ASN B 177 9.48 -9.69 -14.99
CA ASN B 177 9.35 -8.24 -14.86
C ASN B 177 7.90 -7.78 -14.70
N GLY B 178 6.92 -8.66 -14.86
CA GLY B 178 5.55 -8.20 -14.76
C GLY B 178 5.10 -7.32 -15.93
N ASP B 179 5.86 -7.31 -17.03
CA ASP B 179 5.47 -6.49 -18.17
C ASP B 179 4.66 -7.31 -19.17
N LEU B 180 4.17 -6.64 -20.22
CA LEU B 180 3.29 -7.30 -21.17
C LEU B 180 4.01 -8.43 -21.93
N ASN B 181 3.33 -9.56 -22.05
CA ASN B 181 3.72 -10.60 -22.99
C ASN B 181 4.01 -9.97 -24.35
N SER B 182 5.26 -10.14 -24.81
CA SER B 182 5.70 -9.36 -25.98
C SER B 182 4.87 -9.70 -27.20
N SER B 183 4.28 -10.89 -27.24
CA SER B 183 3.36 -11.26 -28.31
C SER B 183 2.07 -10.47 -28.31
N TYR B 184 1.68 -9.86 -27.20
CA TYR B 184 0.35 -9.29 -27.10
C TYR B 184 0.30 -7.82 -27.51
N THR B 185 1.38 -7.24 -28.03
CA THR B 185 1.25 -5.92 -28.63
C THR B 185 2.28 -5.80 -29.74
N ARG B 186 1.93 -5.02 -30.76
CA ARG B 186 2.90 -4.59 -31.75
C ARG B 186 3.22 -3.10 -31.67
N ASP B 187 2.26 -2.25 -31.29
CA ASP B 187 2.51 -0.82 -31.30
C ASP B 187 2.69 -0.24 -29.92
N GLY B 188 2.56 -1.05 -28.86
CA GLY B 188 2.66 -0.55 -27.51
C GLY B 188 1.49 0.27 -27.03
N VAL B 189 0.43 0.36 -27.82
CA VAL B 189 -0.77 1.09 -27.48
C VAL B 189 -1.97 0.18 -27.39
N HIS B 190 -2.11 -0.74 -28.35
CA HIS B 190 -3.22 -1.68 -28.38
C HIS B 190 -2.70 -3.11 -28.28
N PRO B 191 -3.41 -3.94 -27.54
CA PRO B 191 -3.23 -5.39 -27.69
C PRO B 191 -3.35 -5.79 -29.14
N THR B 192 -2.63 -6.84 -29.49
CA THR B 192 -2.91 -7.51 -30.76
C THR B 192 -4.29 -8.16 -30.67
N LEU B 193 -4.75 -8.64 -31.84
CA LEU B 193 -6.03 -9.37 -31.86
C LEU B 193 -5.98 -10.60 -30.95
N GLU B 194 -4.88 -11.35 -30.98
CA GLU B 194 -4.70 -12.45 -30.03
C GLU B 194 -4.85 -11.97 -28.58
N GLY B 195 -4.32 -10.79 -28.27
CA GLY B 195 -4.49 -10.23 -26.93
C GLY B 195 -5.94 -9.86 -26.66
N TYR B 196 -6.63 -9.27 -27.65
CA TYR B 196 -8.04 -8.95 -27.50
C TYR B 196 -8.87 -10.21 -27.28
N LYS B 197 -8.53 -11.31 -27.97
CA LYS B 197 -9.29 -12.55 -27.80
C LYS B 197 -9.16 -13.10 -26.38
N VAL B 198 -7.97 -12.97 -25.76
CA VAL B 198 -7.82 -13.32 -24.35
C VAL B 198 -8.78 -12.49 -23.50
N MET B 199 -8.84 -11.18 -23.79
CA MET B 199 -9.69 -10.29 -23.00
C MET B 199 -11.18 -10.56 -23.24
N GLU B 200 -11.53 -10.96 -24.47
CA GLU B 200 -12.93 -11.26 -24.79
C GLU B 200 -13.43 -12.47 -24.01
N ALA B 201 -12.62 -13.53 -23.91
CA ALA B 201 -13.06 -14.72 -23.18
C ALA B 201 -13.32 -14.40 -21.71
N LEU B 202 -12.43 -13.62 -21.09
CA LEU B 202 -12.60 -13.23 -19.69
C LEU B 202 -13.83 -12.36 -19.49
N ILE B 203 -13.96 -11.31 -20.30
CA ILE B 203 -15.01 -10.32 -20.00
C ILE B 203 -16.37 -10.88 -20.34
N LYS B 204 -16.47 -11.68 -21.42
CA LYS B 204 -17.78 -12.25 -21.77
C LYS B 204 -18.25 -13.24 -20.70
N LYS B 205 -17.33 -14.08 -20.20
CA LYS B 205 -17.68 -14.97 -19.11
C LYS B 205 -18.20 -14.18 -17.92
N ALA B 206 -17.59 -13.03 -17.63
CA ALA B 206 -17.97 -12.25 -16.45
C ALA B 206 -19.30 -11.52 -16.66
N ILE B 207 -19.52 -11.01 -17.86
CA ILE B 207 -20.80 -10.37 -18.19
C ILE B 207 -21.94 -11.39 -18.10
N ASP B 208 -21.72 -12.57 -18.67
CA ASP B 208 -22.73 -13.61 -18.67
C ASP B 208 -23.02 -14.11 -17.26
N LYS B 209 -22.05 -14.05 -16.37
CA LYS B 209 -22.30 -14.40 -14.99
C LYS B 209 -23.25 -13.40 -14.33
N VAL B 210 -23.04 -12.11 -14.58
CA VAL B 210 -23.94 -11.09 -14.01
C VAL B 210 -25.32 -11.16 -14.67
N LEU B 211 -25.37 -11.17 -16.00
CA LEU B 211 -26.63 -10.99 -16.71
C LEU B 211 -27.32 -12.29 -17.09
N GLY B 212 -26.67 -13.43 -16.95
CA GLY B 212 -27.17 -14.66 -17.52
C GLY B 212 -26.72 -14.87 -18.95
N SER B 213 -26.81 -16.12 -19.42
CA SER B 213 -26.45 -16.43 -20.80
C SER B 213 -27.36 -15.70 -21.79
N GLY B 214 -26.75 -15.09 -22.82
CA GLY B 214 -27.53 -14.45 -23.88
C GLY B 214 -27.43 -15.16 -25.22
N SER B 215 -27.06 -16.45 -25.18
CA SER B 215 -26.84 -17.24 -26.39
C SER B 215 -28.10 -17.44 -27.22
N GLY B 216 -29.28 -17.36 -26.62
CA GLY B 216 -30.48 -17.63 -27.38
C GLY B 216 -30.51 -19.07 -27.85
N TRP B 217 -31.21 -19.30 -28.96
CA TRP B 217 -31.45 -20.62 -29.53
C TRP B 217 -30.35 -20.97 -30.52
N HIS B 218 -29.50 -21.92 -30.17
CA HIS B 218 -28.38 -22.33 -31.00
C HIS B 218 -28.07 -23.82 -30.80
N GLN C 6 14.53 -19.45 26.70
N GLN C 6 14.62 -19.12 26.49
CA GLN C 6 13.45 -19.99 25.88
CA GLN C 6 13.59 -19.93 25.86
C GLN C 6 13.94 -20.18 24.44
C GLN C 6 14.01 -20.26 24.43
N ASP C 7 13.09 -20.79 23.63
CA ASP C 7 13.35 -21.08 22.21
C ASP C 7 12.11 -20.64 21.43
N TRP C 8 11.83 -19.34 21.48
CA TRP C 8 10.61 -18.82 20.86
C TRP C 8 10.55 -19.15 19.36
N GLY C 9 11.70 -19.14 18.67
CA GLY C 9 11.73 -19.46 17.25
C GLY C 9 11.52 -20.93 16.91
N ASN C 10 11.56 -21.81 17.93
CA ASN C 10 11.48 -23.26 17.76
C ASN C 10 12.58 -23.78 16.83
N LEU C 11 13.81 -23.36 17.10
CA LEU C 11 14.95 -23.96 16.44
C LEU C 11 15.06 -25.44 16.78
N LYS C 12 14.46 -25.87 17.90
CA LYS C 12 14.55 -27.25 18.35
C LYS C 12 13.87 -28.22 17.38
N ARG C 13 12.81 -27.78 16.69
CA ARG C 13 11.98 -28.71 15.92
C ARG C 13 12.79 -29.50 14.91
N TYR C 14 13.70 -28.84 14.19
CA TYR C 14 14.46 -29.51 13.13
C TYR C 14 15.93 -29.71 13.48
N ALA C 15 16.33 -29.43 14.72
CA ALA C 15 17.75 -29.45 15.07
C ALA C 15 18.34 -30.85 14.83
N GLU C 16 17.63 -31.89 15.30
CA GLU C 16 18.09 -33.26 15.09
C GLU C 16 18.04 -33.65 13.61
N ALA C 17 16.97 -33.27 12.90
CA ALA C 17 16.86 -33.62 11.49
C ALA C 17 17.93 -32.92 10.67
N ASN C 18 18.28 -31.69 11.04
CA ASN C 18 19.36 -30.99 10.37
C ASN C 18 20.70 -31.72 10.55
N LYS C 19 20.96 -32.21 11.77
CA LYS C 19 22.19 -32.96 12.00
C LYS C 19 22.26 -34.18 11.10
N GLU C 20 21.14 -34.90 10.97
CA GLU C 20 21.13 -36.08 10.12
C GLU C 20 21.38 -35.71 8.67
N LEU C 21 20.83 -34.58 8.21
CA LEU C 21 21.11 -34.11 6.85
C LEU C 21 22.59 -33.80 6.67
N VAL C 22 23.17 -33.08 7.63
CA VAL C 22 24.58 -32.71 7.54
C VAL C 22 25.45 -33.95 7.63
N ARG C 23 25.00 -34.98 8.35
CA ARG C 23 25.73 -36.24 8.40
C ARG C 23 25.69 -36.94 7.03
N LYS C 24 24.53 -36.90 6.36
CA LYS C 24 24.40 -37.57 5.07
C LYS C 24 25.11 -36.82 3.93
N GLY C 25 25.75 -35.69 4.21
CA GLY C 25 26.50 -34.97 3.21
C GLY C 25 25.64 -34.00 2.41
N LYS C 26 26.31 -33.10 1.70
CA LYS C 26 25.61 -32.12 0.90
C LYS C 26 25.07 -32.78 -0.37
N GLN C 27 23.81 -32.51 -0.68
CA GLN C 27 23.19 -32.97 -1.90
C GLN C 27 23.25 -31.85 -2.93
N LYS C 28 23.01 -32.21 -4.19
CA LYS C 28 22.98 -31.23 -5.27
C LYS C 28 21.55 -30.77 -5.52
N ASP C 29 21.41 -29.47 -5.82
CA ASP C 29 20.10 -28.91 -6.16
C ASP C 29 19.08 -29.11 -5.05
N ARG C 30 19.52 -29.05 -3.80
CA ARG C 30 18.57 -29.11 -2.70
C ARG C 30 17.70 -27.84 -2.68
N VAL C 31 16.40 -28.02 -2.46
CA VAL C 31 15.46 -26.89 -2.28
C VAL C 31 14.86 -27.01 -0.89
N VAL C 32 14.93 -25.93 -0.11
CA VAL C 32 14.31 -25.89 1.21
C VAL C 32 13.02 -25.06 1.14
N PHE C 33 11.93 -25.57 1.71
CA PHE C 33 10.67 -24.85 1.78
C PHE C 33 10.52 -24.29 3.19
N MET C 34 10.46 -22.97 3.31
CA MET C 34 10.29 -22.32 4.60
C MET C 34 8.83 -21.85 4.69
N GLY C 35 8.15 -22.17 5.79
CA GLY C 35 6.77 -21.76 5.89
C GLY C 35 6.13 -22.21 7.19
N ASN C 36 4.82 -22.11 7.21
CA ASN C 36 4.01 -22.33 8.41
C ASN C 36 3.27 -23.66 8.31
N SER C 37 2.03 -23.73 8.81
CA SER C 37 1.30 -24.99 8.76
C SER C 37 1.07 -25.45 7.33
N ILE C 38 0.97 -24.51 6.38
CA ILE C 38 0.73 -24.91 5.00
C ILE C 38 1.91 -25.73 4.50
N THR C 39 3.13 -25.26 4.76
CA THR C 39 4.33 -25.98 4.36
C THR C 39 4.55 -27.24 5.20
N GLU C 40 4.22 -27.17 6.49
CA GLU C 40 4.38 -28.34 7.35
C GLU C 40 3.43 -29.46 6.93
N GLY C 41 2.17 -29.11 6.66
CA GLY C 41 1.21 -30.13 6.22
C GLY C 41 1.45 -30.62 4.81
N TRP C 42 2.18 -29.85 4.00
CA TRP C 42 2.53 -30.28 2.65
C TRP C 42 3.39 -31.54 2.69
N VAL C 43 4.39 -31.56 3.57
CA VAL C 43 5.21 -32.75 3.74
C VAL C 43 4.39 -33.90 4.33
N ALA C 44 3.54 -33.59 5.31
CA ALA C 44 2.75 -34.64 5.95
C ALA C 44 1.72 -35.25 5.00
N ASN C 45 1.22 -34.47 4.04
CA ASN C 45 0.16 -34.95 3.17
C ASN C 45 0.66 -35.43 1.82
N ASP C 46 1.86 -35.03 1.40
CA ASP C 46 2.40 -35.50 0.13
C ASP C 46 3.91 -35.61 0.28
N ALA C 47 4.37 -36.57 1.09
CA ALA C 47 5.80 -36.72 1.31
C ALA C 47 6.56 -36.97 0.02
N ALA C 48 5.95 -37.72 -0.91
CA ALA C 48 6.63 -38.09 -2.14
C ALA C 48 7.04 -36.87 -2.94
N PHE C 49 6.22 -35.81 -2.94
CA PHE C 49 6.60 -34.61 -3.68
C PHE C 49 7.95 -34.10 -3.20
N PHE C 50 8.23 -34.18 -1.90
CA PHE C 50 9.53 -33.75 -1.43
C PHE C 50 10.60 -34.83 -1.66
N GLU C 51 10.28 -36.09 -1.38
CA GLU C 51 11.28 -37.16 -1.55
C GLU C 51 11.68 -37.32 -3.02
N ASP C 52 10.71 -37.42 -3.93
CA ASP C 52 11.04 -37.67 -5.34
C ASP C 52 11.80 -36.51 -5.98
N ASN C 53 11.72 -35.30 -5.43
CA ASN C 53 12.32 -34.14 -6.07
C ASN C 53 13.53 -33.58 -5.33
N GLY C 54 13.94 -34.19 -4.24
CA GLY C 54 15.06 -33.67 -3.47
C GLY C 54 14.77 -32.33 -2.82
N TYR C 55 13.58 -32.19 -2.24
CA TYR C 55 13.14 -30.99 -1.52
C TYR C 55 13.08 -31.29 -0.03
N VAL C 56 13.41 -30.28 0.77
CA VAL C 56 13.42 -30.42 2.23
C VAL C 56 12.37 -29.47 2.77
N GLY C 57 11.41 -30.00 3.53
CA GLY C 57 10.38 -29.17 4.14
C GLY C 57 10.82 -28.66 5.51
N ARG C 58 10.77 -27.34 5.70
CA ARG C 58 11.09 -26.82 7.03
C ARG C 58 9.92 -25.99 7.56
N GLY C 59 8.69 -26.47 7.33
CA GLY C 59 7.52 -25.78 7.87
C GLY C 59 7.27 -26.11 9.33
N ILE C 60 6.72 -25.14 10.07
CA ILE C 60 6.27 -25.36 11.44
C ILE C 60 4.92 -24.68 11.60
N GLY C 61 3.94 -25.43 12.12
CA GLY C 61 2.58 -24.92 12.15
C GLY C 61 2.49 -23.65 12.98
N GLY C 62 1.66 -22.71 12.52
CA GLY C 62 1.34 -21.54 13.31
C GLY C 62 2.37 -20.43 13.30
N GLN C 63 3.52 -20.64 12.68
CA GLN C 63 4.63 -19.69 12.75
C GLN C 63 4.46 -18.49 11.82
N THR C 64 5.02 -17.37 12.25
CA THR C 64 5.01 -16.11 11.52
C THR C 64 6.34 -15.88 10.83
N SER C 65 6.36 -14.85 9.98
CA SER C 65 7.62 -14.44 9.34
C SER C 65 8.72 -14.11 10.36
N SER C 66 8.35 -13.73 11.58
CA SER C 66 9.38 -13.45 12.60
C SER C 66 10.06 -14.74 13.06
N HIS C 67 9.27 -15.78 13.34
CA HIS C 67 9.86 -17.10 13.60
C HIS C 67 10.76 -17.54 12.46
N PHE C 68 10.32 -17.33 11.23
CA PHE C 68 11.13 -17.79 10.10
C PHE C 68 12.48 -17.09 10.09
N LEU C 69 12.49 -15.79 10.36
CA LEU C 69 13.76 -15.07 10.35
C LEU C 69 14.72 -15.64 11.39
N LEU C 70 14.18 -16.00 12.56
CA LEU C 70 15.03 -16.58 13.62
C LEU C 70 15.57 -17.95 13.24
N ARG C 71 14.79 -18.75 12.53
CA ARG C 71 15.19 -20.09 12.10
C ARG C 71 15.99 -20.11 10.80
N PHE C 72 16.10 -18.97 10.11
CA PHE C 72 16.57 -19.01 8.72
C PHE C 72 17.99 -19.57 8.63
N ARG C 73 18.88 -19.15 9.53
CA ARG C 73 20.25 -19.64 9.43
C ARG C 73 20.32 -21.14 9.64
N GLU C 74 19.67 -21.66 10.68
CA GLU C 74 19.82 -23.07 11.00
C GLU C 74 19.05 -23.96 10.03
N ASP C 75 17.84 -23.55 9.63
CA ASP C 75 16.97 -24.42 8.84
C ASP C 75 17.06 -24.16 7.34
N VAL C 76 17.75 -23.11 6.90
CA VAL C 76 17.96 -22.87 5.48
C VAL C 76 19.47 -22.80 5.19
N ILE C 77 20.13 -21.77 5.70
CA ILE C 77 21.52 -21.52 5.29
C ILE C 77 22.41 -22.72 5.57
N LYS C 78 22.30 -23.29 6.77
CA LYS C 78 23.20 -24.38 7.19
C LYS C 78 22.96 -25.65 6.43
N LEU C 79 21.87 -25.73 5.66
CA LEU C 79 21.58 -26.88 4.83
C LEU C 79 22.18 -26.72 3.43
N ALA C 80 22.92 -25.62 3.22
CA ALA C 80 23.58 -25.27 1.96
C ALA C 80 22.70 -25.61 0.75
N PRO C 81 21.45 -25.12 0.71
CA PRO C 81 20.59 -25.46 -0.43
C PRO C 81 20.95 -24.64 -1.64
N ALA C 82 20.51 -25.14 -2.80
CA ALA C 82 20.58 -24.30 -4.00
C ALA C 82 19.58 -23.15 -3.94
N LEU C 83 18.47 -23.35 -3.24
CA LEU C 83 17.34 -22.47 -3.45
C LEU C 83 16.42 -22.62 -2.25
N VAL C 84 15.80 -21.51 -1.84
CA VAL C 84 14.81 -21.55 -0.80
C VAL C 84 13.49 -20.97 -1.31
N VAL C 85 12.39 -21.65 -0.99
CA VAL C 85 11.04 -21.23 -1.31
C VAL C 85 10.45 -20.67 -0.03
N ILE C 86 10.06 -19.40 -0.03
CA ILE C 86 9.55 -18.76 1.18
C ILE C 86 8.05 -18.55 1.00
N ASN C 87 7.26 -19.13 1.91
CA ASN C 87 5.83 -18.82 1.98
C ASN C 87 5.56 -18.31 3.40
N ALA C 88 5.31 -17.02 3.53
CA ALA C 88 5.30 -16.37 4.82
C ALA C 88 4.23 -15.29 4.87
N GLY C 89 3.49 -15.24 5.98
CA GLY C 89 2.53 -14.16 6.16
C GLY C 89 1.15 -14.58 6.62
N THR C 90 0.76 -15.83 6.30
CA THR C 90 -0.55 -16.31 6.74
C THR C 90 -0.76 -16.10 8.23
N ASN C 91 0.19 -16.57 9.05
CA ASN C 91 -0.01 -16.44 10.48
C ASN C 91 0.30 -15.04 11.01
N ASP C 92 1.15 -14.26 10.32
CA ASP C 92 1.28 -12.84 10.68
C ASP C 92 -0.07 -12.14 10.61
N ILE C 93 -0.85 -12.45 9.58
CA ILE C 93 -2.13 -11.78 9.37
C ILE C 93 -3.21 -12.40 10.25
N ALA C 94 -3.18 -13.72 10.43
CA ALA C 94 -4.14 -14.39 11.28
C ALA C 94 -3.98 -14.01 12.76
N GLU C 95 -2.80 -13.53 13.15
CA GLU C 95 -2.58 -12.90 14.46
C GLU C 95 -2.67 -13.87 15.61
N ASN C 96 -2.41 -15.17 15.38
CA ASN C 96 -2.34 -16.10 16.49
C ASN C 96 -1.10 -15.89 17.36
N ALA C 97 -0.09 -15.15 16.86
CA ALA C 97 1.16 -14.96 17.60
C ALA C 97 1.48 -13.48 17.87
N GLY C 98 0.53 -12.58 17.68
CA GLY C 98 0.79 -11.17 17.88
C GLY C 98 0.08 -10.29 16.86
N ALA C 99 0.11 -8.98 17.09
CA ALA C 99 -0.57 -8.04 16.20
C ALA C 99 0.13 -7.97 14.84
N TYR C 100 -0.63 -7.62 13.81
CA TYR C 100 -0.10 -7.63 12.44
C TYR C 100 0.36 -6.26 12.03
N ASN C 101 1.55 -6.21 11.44
CA ASN C 101 2.08 -4.98 10.86
C ASN C 101 2.68 -5.38 9.52
N GLU C 102 2.09 -4.87 8.44
CA GLU C 102 2.54 -5.26 7.10
C GLU C 102 4.01 -4.92 6.90
N GLU C 103 4.42 -3.73 7.32
CA GLU C 103 5.80 -3.32 7.15
C GLU C 103 6.76 -4.28 7.87
N TYR C 104 6.40 -4.71 9.08
CA TYR C 104 7.27 -5.62 9.84
C TYR C 104 7.35 -6.98 9.17
N THR C 105 6.20 -7.50 8.71
CA THR C 105 6.15 -8.81 8.06
C THR C 105 6.88 -8.78 6.73
N PHE C 106 6.55 -7.82 5.87
CA PHE C 106 7.27 -7.65 4.63
C PHE C 106 8.77 -7.48 4.88
N GLY C 107 9.14 -6.69 5.90
CA GLY C 107 10.55 -6.52 6.23
C GLY C 107 11.26 -7.82 6.59
N ASN C 108 10.58 -8.71 7.32
CA ASN C 108 11.17 -10.01 7.66
C ASN C 108 11.44 -10.82 6.41
N ILE C 109 10.53 -10.76 5.43
CA ILE C 109 10.73 -11.47 4.17
C ILE C 109 11.94 -10.91 3.43
N VAL C 110 12.07 -9.58 3.36
CA VAL C 110 13.23 -8.96 2.73
C VAL C 110 14.52 -9.37 3.48
N SER C 111 14.47 -9.41 4.81
CA SER C 111 15.65 -9.84 5.57
C SER C 111 16.05 -11.26 5.20
N MET C 112 15.06 -12.16 5.05
CA MET C 112 15.40 -13.51 4.66
C MET C 112 16.01 -13.56 3.27
N VAL C 113 15.44 -12.80 2.33
CA VAL C 113 16.02 -12.72 0.98
C VAL C 113 17.46 -12.25 1.05
N GLU C 114 17.73 -11.20 1.85
CA GLU C 114 19.10 -10.68 1.86
C GLU C 114 20.08 -11.67 2.50
N LEU C 115 19.64 -12.42 3.52
CA LEU C 115 20.49 -13.46 4.11
C LEU C 115 20.73 -14.57 3.12
N ALA C 116 19.70 -14.95 2.36
CA ALA C 116 19.87 -15.93 1.29
C ALA C 116 20.92 -15.46 0.30
N ARG C 117 20.78 -14.22 -0.19
CA ARG C 117 21.70 -13.73 -1.20
C ARG C 117 23.11 -13.64 -0.64
N ALA C 118 23.25 -13.22 0.61
CA ALA C 118 24.57 -13.17 1.25
C ALA C 118 25.23 -14.54 1.29
N ASN C 119 24.45 -15.61 1.17
CA ASN C 119 24.98 -16.96 1.22
C ASN C 119 24.83 -17.70 -0.10
N LYS C 120 24.68 -16.97 -1.21
CA LYS C 120 24.63 -17.56 -2.55
C LYS C 120 23.47 -18.55 -2.69
N ILE C 121 22.35 -18.30 -2.00
CA ILE C 121 21.18 -19.16 -2.08
C ILE C 121 20.11 -18.42 -2.88
N LYS C 122 19.63 -19.03 -3.98
CA LYS C 122 18.58 -18.39 -4.76
C LYS C 122 17.25 -18.47 -4.03
N VAL C 123 16.28 -17.67 -4.48
CA VAL C 123 15.01 -17.49 -3.77
C VAL C 123 13.87 -17.58 -4.75
N ILE C 124 12.79 -18.25 -4.34
CA ILE C 124 11.47 -18.08 -4.94
C ILE C 124 10.57 -17.52 -3.86
N LEU C 125 9.94 -16.37 -4.14
CA LEU C 125 8.95 -15.79 -3.26
C LEU C 125 7.57 -16.25 -3.71
N THR C 126 6.59 -16.25 -2.80
CA THR C 126 5.28 -16.80 -3.09
C THR C 126 4.18 -15.98 -2.44
N SER C 127 2.98 -16.11 -2.98
CA SER C 127 1.82 -15.43 -2.44
C SER C 127 1.33 -16.09 -1.15
N VAL C 128 1.01 -15.29 -0.15
CA VAL C 128 0.19 -15.80 0.95
C VAL C 128 -1.12 -16.34 0.38
N LEU C 129 -1.56 -17.48 0.91
CA LEU C 129 -2.76 -18.11 0.38
C LEU C 129 -4.02 -17.35 0.80
N PRO C 130 -5.10 -17.50 0.04
CA PRO C 130 -6.35 -16.83 0.42
C PRO C 130 -6.86 -17.30 1.78
N ALA C 131 -7.53 -16.40 2.48
CA ALA C 131 -8.20 -16.71 3.74
C ALA C 131 -9.46 -17.51 3.49
N ALA C 132 -9.76 -18.43 4.41
CA ALA C 132 -10.91 -19.31 4.26
C ALA C 132 -12.09 -18.76 5.04
N ALA C 133 -13.20 -18.50 4.34
CA ALA C 133 -14.42 -18.01 4.97
C ALA C 133 -15.16 -19.15 5.64
N PHE C 134 -15.69 -18.89 6.84
CA PHE C 134 -16.29 -19.95 7.63
C PHE C 134 -16.97 -19.34 8.82
N GLY C 135 -18.15 -19.85 9.13
CA GLY C 135 -18.76 -19.58 10.43
C GLY C 135 -18.99 -18.10 10.64
N TRP C 136 -18.81 -17.67 11.89
CA TRP C 136 -19.08 -16.29 12.25
C TRP C 136 -17.78 -15.58 12.61
N ASN C 137 -16.83 -15.57 11.68
CA ASN C 137 -15.51 -14.98 11.92
C ASN C 137 -15.44 -13.68 11.12
N PRO C 138 -15.75 -12.54 11.74
CA PRO C 138 -15.82 -11.28 10.97
C PRO C 138 -14.46 -10.80 10.48
N SER C 139 -13.36 -11.27 11.09
CA SER C 139 -12.02 -10.83 10.75
C SER C 139 -11.61 -11.18 9.31
N VAL C 140 -12.36 -12.05 8.60
CA VAL C 140 -11.84 -12.65 7.37
C VAL C 140 -11.76 -11.60 6.25
N LYS C 141 -12.77 -10.74 6.13
CA LYS C 141 -12.76 -9.74 5.07
C LYS C 141 -11.57 -8.79 5.23
N ALA C 142 -11.28 -8.37 6.46
CA ALA C 142 -10.09 -7.54 6.65
C ALA C 142 -8.82 -8.35 6.41
N ALA C 143 -8.82 -9.65 6.72
CA ALA C 143 -7.63 -10.45 6.43
C ALA C 143 -7.42 -10.58 4.94
N THR C 144 -8.50 -10.75 4.18
CA THR C 144 -8.35 -10.86 2.73
C THR C 144 -7.72 -9.60 2.14
N GLN C 145 -8.17 -8.42 2.56
CA GLN C 145 -7.55 -7.19 2.07
C GLN C 145 -6.07 -7.11 2.45
N ALA C 146 -5.76 -7.50 3.68
CA ALA C 146 -4.36 -7.49 4.13
C ALA C 146 -3.51 -8.47 3.34
N ILE C 147 -4.05 -9.65 3.05
CA ILE C 147 -3.32 -10.65 2.27
C ILE C 147 -2.98 -10.10 0.89
N ILE C 148 -3.97 -9.50 0.24
CA ILE C 148 -3.74 -8.97 -1.09
C ILE C 148 -2.73 -7.84 -1.04
N ASN C 149 -2.83 -6.96 -0.05
CA ASN C 149 -1.87 -5.87 0.06
C ASN C 149 -0.47 -6.43 0.30
N LEU C 150 -0.35 -7.43 1.16
CA LEU C 150 1.00 -7.98 1.43
C LEU C 150 1.54 -8.67 0.17
N ASN C 151 0.71 -9.43 -0.53
CA ASN C 151 1.18 -10.09 -1.75
C ASN C 151 1.61 -9.07 -2.79
N THR C 152 0.97 -7.90 -2.81
CA THR C 152 1.41 -6.82 -3.69
C THR C 152 2.78 -6.30 -3.27
N ARG C 153 3.02 -6.11 -1.98
CA ARG C 153 4.36 -5.72 -1.54
C ARG C 153 5.38 -6.74 -2.02
N ILE C 154 5.03 -8.03 -1.92
CA ILE C 154 5.99 -9.09 -2.25
C ILE C 154 6.26 -9.13 -3.75
N ILE C 155 5.21 -9.05 -4.56
CA ILE C 155 5.45 -9.17 -6.01
C ILE C 155 6.24 -7.96 -6.51
N ASN C 156 5.99 -6.77 -5.96
CA ASN C 156 6.73 -5.62 -6.46
C ASN C 156 8.19 -5.71 -6.06
N TYR C 157 8.44 -6.21 -4.86
CA TYR C 157 9.82 -6.44 -4.44
C TYR C 157 10.46 -7.52 -5.31
N ALA C 158 9.73 -8.59 -5.61
CA ALA C 158 10.28 -9.65 -6.46
C ALA C 158 10.64 -9.10 -7.84
N ILE C 159 9.72 -8.31 -8.42
CA ILE C 159 9.96 -7.70 -9.72
C ILE C 159 11.20 -6.82 -9.69
N GLU C 160 11.26 -5.90 -8.71
CA GLU C 160 12.39 -4.99 -8.60
C GLU C 160 13.72 -5.73 -8.55
N ASN C 161 13.73 -6.90 -7.94
CA ASN C 161 14.97 -7.62 -7.68
C ASN C 161 15.15 -8.83 -8.58
N LYS C 162 14.31 -8.98 -9.60
CA LYS C 162 14.32 -10.12 -10.51
C LYS C 162 14.35 -11.44 -9.74
N ILE C 163 13.42 -11.57 -8.80
CA ILE C 163 13.20 -12.81 -8.05
C ILE C 163 11.89 -13.41 -8.53
N PRO C 164 11.85 -14.70 -8.88
CA PRO C 164 10.57 -15.27 -9.30
C PRO C 164 9.52 -15.18 -8.19
N PHE C 165 8.27 -14.96 -8.59
CA PHE C 165 7.15 -14.93 -7.66
C PHE C 165 6.13 -15.96 -8.10
N VAL C 166 5.75 -16.88 -7.22
CA VAL C 166 4.75 -17.88 -7.54
C VAL C 166 3.43 -17.49 -6.87
N ASP C 167 2.40 -17.24 -7.69
CA ASP C 167 1.11 -16.73 -7.26
C ASP C 167 0.14 -17.89 -7.04
N TYR C 168 0.27 -18.55 -5.90
CA TYR C 168 -0.74 -19.53 -5.47
C TYR C 168 -2.12 -18.87 -5.33
N PHE C 169 -2.13 -17.66 -4.78
CA PHE C 169 -3.39 -16.99 -4.45
C PHE C 169 -4.32 -16.92 -5.66
N VAL C 170 -3.82 -16.43 -6.80
CA VAL C 170 -4.72 -16.24 -7.95
C VAL C 170 -5.33 -17.57 -8.38
N GLU C 171 -4.60 -18.67 -8.23
CA GLU C 171 -5.16 -19.96 -8.63
C GLU C 171 -6.07 -20.59 -7.57
N MET C 172 -6.03 -20.13 -6.32
CA MET C 172 -6.91 -20.76 -5.34
C MET C 172 -7.94 -19.83 -4.69
N ALA C 173 -8.05 -18.60 -5.14
CA ALA C 173 -9.08 -17.71 -4.61
C ALA C 173 -10.35 -17.85 -5.44
N GLN C 174 -11.44 -17.30 -4.91
CA GLN C 174 -12.70 -17.34 -5.62
C GLN C 174 -13.32 -15.95 -5.59
N SER C 175 -14.23 -15.68 -6.62
CA SER C 175 -14.85 -14.38 -6.81
C SER C 175 -16.28 -14.39 -6.28
N PRO C 176 -16.79 -13.26 -5.75
CA PRO C 176 -16.20 -11.92 -5.69
C PRO C 176 -15.48 -11.61 -4.40
N ASN C 177 -15.41 -12.52 -3.43
CA ASN C 177 -14.84 -12.15 -2.13
C ASN C 177 -13.32 -12.30 -2.07
N GLY C 178 -12.72 -13.01 -3.02
CA GLY C 178 -11.29 -13.19 -2.93
C GLY C 178 -10.85 -14.13 -1.83
N ASP C 179 -11.78 -14.94 -1.29
CA ASP C 179 -11.42 -15.91 -0.27
C ASP C 179 -11.10 -17.27 -0.90
N LEU C 180 -10.67 -18.20 -0.05
CA LEU C 180 -10.20 -19.49 -0.53
C LEU C 180 -11.34 -20.26 -1.18
N ASN C 181 -11.06 -20.84 -2.35
CA ASN C 181 -11.94 -21.84 -2.97
C ASN C 181 -12.32 -22.89 -1.93
N SER C 182 -13.62 -22.98 -1.66
CA SER C 182 -14.09 -23.74 -0.51
C SER C 182 -13.73 -25.22 -0.63
N SER C 183 -13.47 -25.69 -1.84
CA SER C 183 -13.06 -27.06 -2.00
C SER C 183 -11.59 -27.30 -1.68
N TYR C 184 -10.77 -26.24 -1.55
CA TYR C 184 -9.34 -26.41 -1.33
C TYR C 184 -8.95 -26.45 0.15
N THR C 185 -9.92 -26.46 1.07
CA THR C 185 -9.55 -26.73 2.47
C THR C 185 -10.72 -27.41 3.15
N ARG C 186 -10.40 -28.30 4.09
CA ARG C 186 -11.39 -28.86 5.01
C ARG C 186 -11.25 -28.31 6.41
N ASP C 187 -10.04 -28.21 6.95
CA ASP C 187 -9.84 -27.74 8.31
C ASP C 187 -9.54 -26.25 8.40
N GLY C 188 -9.38 -25.56 7.28
CA GLY C 188 -9.06 -24.14 7.30
C GLY C 188 -7.65 -23.80 7.71
N VAL C 189 -6.82 -24.80 7.97
CA VAL C 189 -5.42 -24.62 8.29
C VAL C 189 -4.52 -25.10 7.16
N HIS C 190 -4.84 -26.26 6.57
CA HIS C 190 -4.11 -26.86 5.46
C HIS C 190 -4.96 -26.92 4.20
N PRO C 191 -4.35 -26.77 3.02
CA PRO C 191 -5.04 -27.13 1.79
C PRO C 191 -5.40 -28.62 1.83
N THR C 192 -6.46 -28.96 1.11
CA THR C 192 -6.67 -30.37 0.79
C THR C 192 -5.56 -30.86 -0.14
N LEU C 193 -5.48 -32.19 -0.30
CA LEU C 193 -4.49 -32.74 -1.21
C LEU C 193 -4.65 -32.15 -2.61
N GLU C 194 -5.90 -31.93 -3.03
CA GLU C 194 -6.16 -31.29 -4.32
C GLU C 194 -5.61 -29.87 -4.34
N GLY C 195 -5.78 -29.13 -3.25
CA GLY C 195 -5.15 -27.81 -3.18
C GLY C 195 -3.64 -27.88 -3.29
N TYR C 196 -3.02 -28.83 -2.58
CA TYR C 196 -1.57 -29.00 -2.63
C TYR C 196 -1.12 -29.36 -4.06
N LYS C 197 -1.92 -30.17 -4.77
CA LYS C 197 -1.52 -30.54 -6.13
C LYS C 197 -1.49 -29.31 -7.05
N VAL C 198 -2.39 -28.36 -6.84
CA VAL C 198 -2.34 -27.10 -7.58
C VAL C 198 -1.02 -26.38 -7.26
N MET C 199 -0.67 -26.36 -5.99
CA MET C 199 0.51 -25.63 -5.54
C MET C 199 1.77 -26.28 -6.09
N GLU C 200 1.75 -27.62 -6.17
CA GLU C 200 2.90 -28.38 -6.64
C GLU C 200 3.19 -28.11 -8.10
N ALA C 201 2.15 -28.05 -8.94
CA ALA C 201 2.35 -27.75 -10.35
C ALA C 201 3.01 -26.39 -10.53
N LEU C 202 2.58 -25.41 -9.73
CA LEU C 202 3.15 -24.07 -9.84
C LEU C 202 4.60 -24.02 -9.38
N ILE C 203 4.90 -24.56 -8.19
CA ILE C 203 6.22 -24.36 -7.61
C ILE C 203 7.26 -25.19 -8.34
N LYS C 204 6.91 -26.40 -8.77
CA LYS C 204 7.88 -27.26 -9.45
C LYS C 204 8.33 -26.63 -10.76
N LYS C 205 7.37 -26.07 -11.50
CA LYS C 205 7.71 -25.33 -12.72
C LYS C 205 8.69 -24.20 -12.40
N ALA C 206 8.42 -23.45 -11.35
CA ALA C 206 9.31 -22.33 -11.04
C ALA C 206 10.66 -22.85 -10.54
N ILE C 207 10.68 -23.92 -9.77
CA ILE C 207 11.95 -24.47 -9.29
C ILE C 207 12.79 -24.94 -10.46
N ASP C 208 12.16 -25.68 -11.39
CA ASP C 208 12.88 -26.25 -12.52
C ASP C 208 13.52 -25.17 -13.38
N LYS C 209 12.82 -24.03 -13.55
CA LYS C 209 13.36 -22.89 -14.28
C LYS C 209 14.59 -22.32 -13.57
N VAL C 210 14.59 -22.28 -12.24
CA VAL C 210 15.73 -21.71 -11.53
C VAL C 210 16.94 -22.63 -11.64
N LEU C 211 16.74 -23.94 -11.44
CA LEU C 211 17.88 -24.83 -11.47
C LEU C 211 18.18 -25.27 -12.91
N GLN D 6 2.40 -11.14 21.95
CA GLN D 6 2.30 -9.94 21.12
C GLN D 6 3.60 -9.14 21.15
N ASP D 7 4.21 -8.99 19.97
CA ASP D 7 5.45 -8.26 19.78
C ASP D 7 6.57 -8.83 20.66
N TRP D 8 6.96 -10.06 20.32
CA TRP D 8 8.01 -10.71 21.09
C TRP D 8 9.33 -9.95 21.00
N GLY D 9 9.65 -9.40 19.81
CA GLY D 9 10.87 -8.64 19.59
C GLY D 9 10.91 -7.26 20.21
N ASN D 10 9.75 -6.75 20.65
CA ASN D 10 9.60 -5.40 21.18
C ASN D 10 9.97 -4.33 20.15
N LEU D 11 9.45 -4.49 18.94
CA LEU D 11 9.55 -3.43 17.94
C LEU D 11 8.73 -2.22 18.38
N LYS D 12 7.80 -2.42 19.31
CA LYS D 12 7.00 -1.32 19.84
C LYS D 12 7.87 -0.27 20.50
N ARG D 13 8.95 -0.70 21.17
CA ARG D 13 9.66 0.21 22.06
C ARG D 13 10.11 1.47 21.34
N TYR D 14 10.66 1.32 20.14
CA TYR D 14 11.18 2.48 19.42
C TYR D 14 10.34 2.85 18.21
N ALA D 15 9.16 2.26 18.04
CA ALA D 15 8.41 2.50 16.80
C ALA D 15 8.13 3.99 16.62
N GLU D 16 7.67 4.67 17.68
CA GLU D 16 7.38 6.09 17.54
C GLU D 16 8.65 6.92 17.42
N ALA D 17 9.70 6.57 18.19
CA ALA D 17 10.97 7.28 18.11
C ALA D 17 11.56 7.25 16.70
N ASN D 18 11.40 6.13 15.98
CA ASN D 18 11.91 6.02 14.61
C ASN D 18 11.08 6.85 13.64
N LYS D 19 9.77 6.90 13.84
CA LYS D 19 8.92 7.74 12.99
C LYS D 19 9.42 9.18 13.02
N GLU D 20 9.69 9.71 14.23
CA GLU D 20 10.21 11.07 14.35
C GLU D 20 11.53 11.24 13.61
N LEU D 21 12.43 10.24 13.68
CA LEU D 21 13.71 10.37 12.99
C LEU D 21 13.51 10.38 11.48
N VAL D 22 12.59 9.56 10.99
CA VAL D 22 12.32 9.51 9.56
C VAL D 22 11.82 10.86 9.06
N ARG D 23 11.26 11.68 9.95
CA ARG D 23 10.78 13.00 9.56
C ARG D 23 11.93 13.92 9.17
N LYS D 24 12.91 14.07 10.07
CA LYS D 24 14.07 14.93 9.82
C LYS D 24 14.95 14.42 8.68
N GLY D 25 14.63 13.26 8.13
CA GLY D 25 15.40 12.71 7.03
C GLY D 25 16.73 12.14 7.50
N LYS D 26 17.47 11.57 6.55
CA LYS D 26 18.73 10.92 6.87
C LYS D 26 19.79 11.97 7.20
N GLN D 27 20.45 11.79 8.33
CA GLN D 27 21.59 12.61 8.73
C GLN D 27 22.88 11.93 8.33
N LYS D 28 23.92 12.75 8.15
CA LYS D 28 25.23 12.24 7.79
C LYS D 28 25.90 11.56 8.97
N ASP D 29 26.47 10.39 8.72
CA ASP D 29 27.31 9.70 9.70
C ASP D 29 26.53 9.39 10.99
N ARG D 30 25.29 8.96 10.85
CA ARG D 30 24.57 8.46 12.01
C ARG D 30 25.16 7.10 12.46
N VAL D 31 25.22 6.89 13.77
CA VAL D 31 25.65 5.61 14.36
C VAL D 31 24.51 5.09 15.21
N VAL D 32 24.07 3.84 14.97
CA VAL D 32 23.09 3.19 15.83
C VAL D 32 23.81 2.24 16.78
N PHE D 33 23.43 2.27 18.06
CA PHE D 33 23.94 1.34 19.06
C PHE D 33 22.86 0.32 19.34
N MET D 34 23.15 -0.95 19.09
CA MET D 34 22.20 -2.02 19.36
C MET D 34 22.73 -2.87 20.51
N GLY D 35 21.82 -3.26 21.42
CA GLY D 35 22.26 -3.91 22.64
C GLY D 35 21.12 -4.02 23.63
N ASN D 36 21.48 -4.41 24.85
CA ASN D 36 20.49 -4.65 25.90
C ASN D 36 20.59 -3.62 27.02
N SER D 37 20.79 -4.06 28.27
CA SER D 37 20.63 -3.18 29.43
C SER D 37 21.63 -2.03 29.41
N ILE D 38 22.90 -2.33 29.11
CA ILE D 38 23.94 -1.32 29.23
C ILE D 38 23.78 -0.27 28.14
N THR D 39 23.35 -0.71 26.95
CA THR D 39 23.10 0.25 25.86
C THR D 39 21.88 1.10 26.17
N GLU D 40 20.84 0.50 26.75
CA GLU D 40 19.66 1.26 27.18
C GLU D 40 20.02 2.29 28.24
N GLY D 41 20.76 1.88 29.28
CA GLY D 41 21.17 2.78 30.34
C GLY D 41 22.17 3.84 29.91
N TRP D 42 22.84 3.63 28.78
CA TRP D 42 23.75 4.63 28.27
C TRP D 42 23.02 5.92 27.92
N VAL D 43 22.00 5.83 27.08
CA VAL D 43 21.21 7.00 26.73
C VAL D 43 20.60 7.63 27.98
N ALA D 44 20.06 6.80 28.87
CA ALA D 44 19.43 7.33 30.08
C ALA D 44 20.38 8.18 30.89
N ASN D 45 21.62 7.73 31.04
CA ASN D 45 22.60 8.34 31.93
C ASN D 45 23.50 9.36 31.25
N ASP D 46 23.55 9.40 29.92
CA ASP D 46 24.32 10.44 29.25
C ASP D 46 23.78 10.67 27.85
N ALA D 47 22.56 11.21 27.76
CA ALA D 47 21.96 11.47 26.46
C ALA D 47 22.79 12.46 25.66
N ALA D 48 23.52 13.36 26.34
CA ALA D 48 24.37 14.32 25.64
C ALA D 48 25.35 13.62 24.70
N PHE D 49 26.02 12.56 25.18
CA PHE D 49 26.88 11.75 24.32
C PHE D 49 26.27 11.48 22.97
N PHE D 50 25.01 11.02 22.96
CA PHE D 50 24.37 10.64 21.71
C PHE D 50 23.88 11.85 20.93
N GLU D 51 23.37 12.87 21.62
CA GLU D 51 22.89 14.06 20.93
C GLU D 51 24.04 14.78 20.23
N ASP D 52 25.15 14.95 20.93
CA ASP D 52 26.26 15.75 20.40
C ASP D 52 27.02 15.06 19.28
N ASN D 53 26.98 13.73 19.20
CA ASN D 53 27.79 13.00 18.23
C ASN D 53 26.98 12.45 17.07
N GLY D 54 25.67 12.62 17.07
CA GLY D 54 24.86 12.05 16.02
C GLY D 54 24.63 10.57 16.17
N TYR D 55 24.68 10.07 17.40
CA TYR D 55 24.46 8.65 17.66
C TYR D 55 23.01 8.43 18.11
N VAL D 56 22.51 7.23 17.83
CA VAL D 56 21.14 6.84 18.16
C VAL D 56 21.21 5.56 18.97
N GLY D 57 20.62 5.58 20.17
CA GLY D 57 20.63 4.42 21.04
C GLY D 57 19.39 3.57 20.83
N ARG D 58 19.59 2.26 20.69
CA ARG D 58 18.49 1.35 20.43
C ARG D 58 18.58 0.12 21.32
N GLY D 59 19.06 0.31 22.54
CA GLY D 59 19.14 -0.79 23.49
C GLY D 59 17.82 -1.05 24.20
N ILE D 60 17.63 -2.32 24.57
CA ILE D 60 16.47 -2.74 25.34
C ILE D 60 16.93 -3.77 26.36
N GLY D 61 16.84 -3.43 27.65
CA GLY D 61 17.24 -4.35 28.69
C GLY D 61 16.43 -5.64 28.63
N GLY D 62 17.08 -6.74 28.99
CA GLY D 62 16.46 -8.05 29.03
C GLY D 62 16.54 -8.84 27.73
N GLN D 63 16.94 -8.22 26.64
CA GLN D 63 16.87 -8.84 25.33
C GLN D 63 18.12 -9.66 25.02
N THR D 64 17.97 -10.58 24.06
CA THR D 64 19.02 -11.45 23.54
C THR D 64 19.30 -11.11 22.09
N SER D 65 20.34 -11.75 21.53
CA SER D 65 20.65 -11.61 20.13
C SER D 65 19.47 -11.96 19.22
N SER D 66 18.57 -12.83 19.67
CA SER D 66 17.40 -13.18 18.86
C SER D 66 16.47 -11.99 18.71
N HIS D 67 16.24 -11.26 19.82
CA HIS D 67 15.48 -10.01 19.75
C HIS D 67 16.17 -8.99 18.86
N PHE D 68 17.48 -8.84 19.00
CA PHE D 68 18.23 -7.88 18.17
C PHE D 68 18.05 -8.20 16.70
N LEU D 69 18.15 -9.47 16.34
CA LEU D 69 17.96 -9.82 14.94
C LEU D 69 16.54 -9.43 14.46
N LEU D 70 15.52 -9.65 15.29
CA LEU D 70 14.17 -9.26 14.86
C LEU D 70 13.99 -7.76 14.75
N ARG D 71 14.68 -6.97 15.57
CA ARG D 71 14.57 -5.52 15.53
C ARG D 71 15.53 -4.89 14.53
N PHE D 72 16.40 -5.67 13.92
CA PHE D 72 17.51 -5.09 13.18
C PHE D 72 17.03 -4.20 12.03
N ARG D 73 16.05 -4.65 11.27
CA ARG D 73 15.63 -3.85 10.12
C ARG D 73 14.98 -2.55 10.57
N GLU D 74 14.06 -2.62 11.53
CA GLU D 74 13.30 -1.43 11.94
C GLU D 74 14.16 -0.46 12.73
N ASP D 75 14.99 -0.98 13.65
CA ASP D 75 15.77 -0.16 14.57
C ASP D 75 17.18 0.15 14.10
N VAL D 76 17.65 -0.45 13.00
CA VAL D 76 18.95 -0.11 12.45
C VAL D 76 18.82 0.26 10.97
N ILE D 77 18.46 -0.71 10.12
CA ILE D 77 18.54 -0.52 8.68
C ILE D 77 17.72 0.69 8.24
N LYS D 78 16.50 0.80 8.74
CA LYS D 78 15.61 1.87 8.29
C LYS D 78 16.03 3.24 8.81
N LEU D 79 17.00 3.29 9.71
CA LEU D 79 17.51 4.56 10.18
C LEU D 79 18.58 5.10 9.25
N ALA D 80 18.89 4.34 8.19
CA ALA D 80 19.96 4.56 7.23
C ALA D 80 21.23 5.04 7.92
N PRO D 81 21.75 4.32 8.91
CA PRO D 81 23.00 4.72 9.55
C PRO D 81 24.20 4.44 8.66
N ALA D 82 25.29 5.15 8.93
CA ALA D 82 26.56 4.77 8.34
C ALA D 82 27.16 3.55 9.02
N LEU D 83 26.81 3.30 10.27
CA LEU D 83 27.51 2.30 11.07
C LEU D 83 26.63 1.87 12.23
N VAL D 84 26.71 0.59 12.59
CA VAL D 84 25.99 0.07 13.74
C VAL D 84 26.99 -0.52 14.72
N VAL D 85 26.86 -0.16 15.99
CA VAL D 85 27.65 -0.74 17.07
C VAL D 85 26.77 -1.81 17.72
N ILE D 86 27.23 -3.05 17.66
CA ILE D 86 26.45 -4.20 18.13
C ILE D 86 27.11 -4.77 19.37
N ASN D 87 26.46 -4.60 20.52
CA ASN D 87 26.87 -5.28 21.74
C ASN D 87 25.91 -6.45 21.91
N ALA D 88 26.34 -7.63 21.48
CA ALA D 88 25.50 -8.82 21.51
C ALA D 88 26.38 -10.03 21.73
N GLY D 89 25.83 -11.01 22.43
CA GLY D 89 26.60 -12.20 22.70
C GLY D 89 26.36 -12.73 24.09
N THR D 90 27.14 -12.25 25.07
CA THR D 90 27.15 -12.82 26.41
C THR D 90 25.84 -12.62 27.15
N ASN D 91 25.02 -11.65 26.76
CA ASN D 91 23.73 -11.52 27.43
C ASN D 91 22.84 -12.73 27.20
N ASP D 92 23.02 -13.42 26.06
CA ASP D 92 22.30 -14.66 25.78
C ASP D 92 22.56 -15.73 26.83
N ILE D 93 23.78 -15.79 27.37
CA ILE D 93 24.12 -16.84 28.33
C ILE D 93 23.30 -16.66 29.60
N ALA D 94 23.25 -15.44 30.13
CA ALA D 94 22.42 -15.14 31.28
C ALA D 94 20.93 -15.40 30.99
N GLU D 95 20.42 -14.90 29.88
CA GLU D 95 18.98 -14.88 29.64
C GLU D 95 18.43 -16.23 29.19
N ASN D 96 19.15 -16.94 28.32
CA ASN D 96 18.64 -18.21 27.82
C ASN D 96 18.89 -19.37 28.78
N ALA D 97 19.81 -19.22 29.73
CA ALA D 97 20.13 -20.26 30.70
C ALA D 97 20.32 -21.61 30.05
N GLY D 98 19.50 -22.60 30.43
CA GLY D 98 19.67 -23.96 29.93
C GLY D 98 19.45 -24.11 28.43
N ALA D 99 18.75 -23.16 27.81
CA ALA D 99 18.56 -23.15 26.38
C ALA D 99 19.68 -22.44 25.62
N TYR D 100 20.66 -21.85 26.32
CA TYR D 100 21.74 -21.16 25.63
C TYR D 100 22.43 -22.12 24.67
N ASN D 101 22.69 -21.63 23.48
CA ASN D 101 23.33 -22.44 22.43
C ASN D 101 24.30 -21.51 21.73
N GLU D 102 25.61 -21.78 21.86
CA GLU D 102 26.60 -20.92 21.21
C GLU D 102 26.36 -20.78 19.69
N GLU D 103 26.08 -21.89 19.03
CA GLU D 103 25.85 -21.84 17.58
C GLU D 103 24.71 -20.90 17.23
N TYR D 104 23.63 -20.94 18.02
CA TYR D 104 22.48 -20.10 17.71
C TYR D 104 22.79 -18.63 17.95
N THR D 105 23.44 -18.34 19.08
CA THR D 105 23.76 -16.96 19.41
C THR D 105 24.78 -16.39 18.43
N PHE D 106 25.85 -17.13 18.18
CA PHE D 106 26.85 -16.69 17.21
C PHE D 106 26.20 -16.49 15.84
N GLY D 107 25.33 -17.41 15.43
CA GLY D 107 24.62 -17.24 14.16
C GLY D 107 23.73 -16.01 14.08
N ASN D 108 23.13 -15.60 15.20
CA ASN D 108 22.36 -14.36 15.17
C ASN D 108 23.27 -13.18 14.92
N ILE D 109 24.48 -13.20 15.50
CA ILE D 109 25.41 -12.11 15.27
C ILE D 109 25.83 -12.07 13.80
N VAL D 110 26.17 -13.24 13.23
CA VAL D 110 26.53 -13.28 11.80
C VAL D 110 25.38 -12.74 10.94
N SER D 111 24.15 -13.17 11.23
CA SER D 111 22.99 -12.69 10.47
C SER D 111 22.91 -11.16 10.51
N MET D 112 23.09 -10.57 11.69
CA MET D 112 23.02 -9.10 11.76
C MET D 112 24.13 -8.45 10.95
N VAL D 113 25.33 -9.02 10.99
CA VAL D 113 26.42 -8.45 10.20
C VAL D 113 26.12 -8.55 8.71
N GLU D 114 25.60 -9.71 8.26
CA GLU D 114 25.33 -9.89 6.84
C GLU D 114 24.20 -8.98 6.36
N LEU D 115 23.19 -8.73 7.21
CA LEU D 115 22.17 -7.73 6.87
C LEU D 115 22.76 -6.32 6.85
N ALA D 116 23.65 -6.00 7.79
CA ALA D 116 24.30 -4.70 7.75
C ALA D 116 25.07 -4.54 6.44
N ARG D 117 25.85 -5.57 6.07
CA ARG D 117 26.66 -5.50 4.87
C ARG D 117 25.78 -5.36 3.63
N ALA D 118 24.67 -6.11 3.59
CA ALA D 118 23.74 -6.02 2.46
C ALA D 118 23.16 -4.63 2.30
N ASN D 119 23.16 -3.84 3.35
CA ASN D 119 22.60 -2.50 3.29
C ASN D 119 23.68 -1.41 3.37
N LYS D 120 24.93 -1.77 3.08
CA LYS D 120 26.09 -0.85 3.12
C LYS D 120 26.20 -0.14 4.48
N ILE D 121 25.91 -0.85 5.55
CA ILE D 121 26.12 -0.33 6.91
C ILE D 121 27.37 -0.97 7.48
N LYS D 122 28.33 -0.16 7.89
CA LYS D 122 29.53 -0.68 8.54
C LYS D 122 29.20 -1.15 9.95
N VAL D 123 30.11 -1.97 10.51
CA VAL D 123 29.83 -2.67 11.77
C VAL D 123 31.00 -2.54 12.74
N ILE D 124 30.68 -2.35 14.02
CA ILE D 124 31.61 -2.56 15.13
C ILE D 124 30.96 -3.55 16.08
N LEU D 125 31.69 -4.57 16.48
CA LEU D 125 31.21 -5.52 17.48
C LEU D 125 31.84 -5.17 18.82
N THR D 126 31.06 -5.26 19.90
CA THR D 126 31.59 -4.95 21.23
C THR D 126 31.17 -6.00 22.24
N SER D 127 31.84 -5.97 23.40
CA SER D 127 31.45 -6.79 24.54
C SER D 127 31.86 -6.06 25.81
N VAL D 128 31.06 -6.28 26.88
CA VAL D 128 31.38 -5.76 28.20
C VAL D 128 31.98 -6.83 29.09
N LEU D 129 32.06 -8.06 28.61
CA LEU D 129 32.80 -9.03 29.39
C LEU D 129 34.02 -9.47 28.59
N PRO D 130 35.08 -9.92 29.26
CA PRO D 130 36.31 -10.28 28.55
C PRO D 130 36.25 -11.70 28.00
N ALA D 131 37.19 -11.99 27.11
CA ALA D 131 37.34 -13.35 26.60
C ALA D 131 38.48 -14.07 27.30
N ALA D 132 38.51 -13.97 28.64
CA ALA D 132 39.45 -14.71 29.45
C ALA D 132 38.94 -14.71 30.89
N ALA D 133 39.44 -15.67 31.67
CA ALA D 133 39.12 -15.82 33.09
C ALA D 133 40.21 -15.17 33.93
N PHE D 134 40.18 -13.84 34.03
CA PHE D 134 41.20 -13.11 34.80
C PHE D 134 41.12 -13.43 36.29
N GLY D 135 42.26 -13.40 36.95
CA GLY D 135 42.36 -13.70 38.37
C GLY D 135 42.61 -15.18 38.64
N TRP D 136 42.30 -15.58 39.88
CA TRP D 136 42.47 -16.93 40.38
C TRP D 136 41.23 -17.78 40.05
N ASN D 137 41.46 -19.01 39.56
CA ASN D 137 40.40 -19.88 39.05
C ASN D 137 40.63 -21.31 39.52
N PRO D 138 40.24 -21.63 40.76
CA PRO D 138 40.31 -23.06 41.18
C PRO D 138 39.30 -23.91 40.43
N SER D 139 38.18 -23.31 40.04
CA SER D 139 37.18 -23.86 39.16
C SER D 139 36.60 -22.69 38.38
N VAL D 140 35.92 -23.01 37.26
CA VAL D 140 35.33 -21.99 36.41
C VAL D 140 33.87 -22.36 36.20
N LYS D 141 32.98 -21.44 36.56
CA LYS D 141 31.56 -21.67 36.37
C LYS D 141 31.27 -21.91 34.89
N ALA D 142 30.22 -22.72 34.64
CA ALA D 142 29.82 -23.02 33.27
C ALA D 142 29.56 -21.74 32.46
N ALA D 143 28.85 -20.79 33.05
CA ALA D 143 28.52 -19.57 32.31
C ALA D 143 29.78 -18.78 31.96
N THR D 144 30.78 -18.79 32.85
CA THR D 144 32.01 -18.07 32.57
C THR D 144 32.75 -18.72 31.41
N GLN D 145 32.85 -20.04 31.42
CA GLN D 145 33.45 -20.75 30.30
C GLN D 145 32.70 -20.48 29.01
N ALA D 146 31.36 -20.47 29.09
CA ALA D 146 30.57 -20.11 27.92
C ALA D 146 30.90 -18.72 27.41
N ILE D 147 31.03 -17.75 28.33
CA ILE D 147 31.36 -16.39 27.92
C ILE D 147 32.67 -16.35 27.14
N ILE D 148 33.71 -16.99 27.69
CA ILE D 148 35.04 -16.96 27.07
C ILE D 148 35.01 -17.60 25.70
N ASN D 149 34.36 -18.76 25.59
CA ASN D 149 34.27 -19.44 24.30
C ASN D 149 33.48 -18.63 23.27
N LEU D 150 32.38 -17.99 23.68
CA LEU D 150 31.61 -17.19 22.74
C LEU D 150 32.41 -15.98 22.27
N ASN D 151 32.98 -15.22 23.21
CA ASN D 151 33.72 -14.02 22.83
C ASN D 151 34.94 -14.36 21.99
N THR D 152 35.57 -15.51 22.26
CA THR D 152 36.66 -16.00 21.39
C THR D 152 36.14 -16.24 19.98
N ARG D 153 34.99 -16.89 19.84
CA ARG D 153 34.45 -17.13 18.50
C ARG D 153 34.07 -15.81 17.80
N ILE D 154 33.51 -14.85 18.52
CA ILE D 154 33.17 -13.55 17.94
C ILE D 154 34.43 -12.81 17.50
N ILE D 155 35.46 -12.81 18.34
CA ILE D 155 36.71 -12.14 18.00
C ILE D 155 37.31 -12.73 16.72
N ASN D 156 37.31 -14.07 16.61
CA ASN D 156 37.81 -14.70 15.40
C ASN D 156 37.01 -14.25 14.17
N TYR D 157 35.70 -14.21 14.30
CA TYR D 157 34.87 -13.81 13.17
C TYR D 157 35.17 -12.36 12.80
N ALA D 158 35.27 -11.49 13.82
CA ALA D 158 35.52 -10.08 13.55
C ALA D 158 36.84 -9.89 12.80
N ILE D 159 37.88 -10.61 13.23
CA ILE D 159 39.20 -10.49 12.60
C ILE D 159 39.15 -11.03 11.17
N GLU D 160 38.54 -12.19 10.97
CA GLU D 160 38.48 -12.79 9.65
C GLU D 160 37.70 -11.95 8.65
N ASN D 161 36.80 -11.08 9.11
CA ASN D 161 35.97 -10.27 8.23
C ASN D 161 36.29 -8.78 8.31
N LYS D 162 37.42 -8.43 8.91
CA LYS D 162 37.88 -7.05 8.99
C LYS D 162 36.86 -6.18 9.69
N ILE D 163 36.30 -6.68 10.77
CA ILE D 163 35.34 -5.95 11.59
C ILE D 163 36.03 -5.57 12.89
N PRO D 164 36.04 -4.30 13.28
CA PRO D 164 36.62 -3.93 14.58
C PRO D 164 35.84 -4.51 15.75
N PHE D 165 36.58 -5.03 16.73
CA PHE D 165 36.01 -5.53 17.98
C PHE D 165 36.54 -4.67 19.13
N VAL D 166 35.61 -4.09 19.89
CA VAL D 166 35.95 -3.24 21.02
C VAL D 166 35.51 -3.99 22.27
N ASP D 167 36.47 -4.28 23.14
CA ASP D 167 36.21 -4.98 24.40
C ASP D 167 36.26 -3.90 25.48
N TYR D 168 35.10 -3.56 26.05
CA TYR D 168 35.05 -2.49 27.05
C TYR D 168 35.74 -2.92 28.35
N PHE D 169 35.61 -4.20 28.70
CA PHE D 169 36.05 -4.67 30.02
C PHE D 169 37.53 -4.42 30.25
N VAL D 170 38.37 -4.73 29.25
CA VAL D 170 39.81 -4.60 29.45
C VAL D 170 40.25 -3.15 29.65
N GLU D 171 39.38 -2.20 29.32
CA GLU D 171 39.65 -0.78 29.51
C GLU D 171 39.25 -0.26 30.87
N MET D 172 38.39 -0.98 31.59
CA MET D 172 37.95 -0.56 32.90
C MET D 172 38.36 -1.51 34.02
N ALA D 173 39.15 -2.54 33.73
CA ALA D 173 39.64 -3.47 34.73
C ALA D 173 41.02 -3.03 35.18
N GLN D 174 41.44 -3.58 36.32
CA GLN D 174 42.71 -3.23 36.92
C GLN D 174 43.52 -4.50 37.18
N SER D 175 44.84 -4.34 37.25
CA SER D 175 45.68 -5.46 37.63
C SER D 175 45.49 -5.75 39.11
N PRO D 176 45.83 -6.95 39.55
CA PRO D 176 46.23 -8.10 38.75
C PRO D 176 45.05 -9.00 38.44
N ASN D 177 43.93 -8.84 39.16
CA ASN D 177 42.82 -9.78 39.03
C ASN D 177 41.97 -9.51 37.82
N GLY D 178 42.19 -8.41 37.13
CA GLY D 178 41.21 -7.98 36.14
C GLY D 178 39.89 -7.57 36.77
N ASP D 179 39.93 -7.03 37.99
CA ASP D 179 38.72 -6.58 38.66
C ASP D 179 38.28 -5.24 38.10
N LEU D 180 36.98 -5.04 37.96
CA LEU D 180 36.50 -3.75 37.50
C LEU D 180 36.78 -2.67 38.54
N ASN D 181 37.15 -1.49 38.05
CA ASN D 181 37.39 -0.35 38.93
C ASN D 181 36.09 0.02 39.65
N SER D 182 36.20 0.28 40.96
CA SER D 182 35.02 0.65 41.74
C SER D 182 34.39 1.93 41.23
N SER D 183 35.21 2.89 40.77
CA SER D 183 34.70 4.14 40.25
C SER D 183 33.98 3.98 38.92
N TYR D 184 34.18 2.86 38.23
CA TYR D 184 33.57 2.67 36.91
C TYR D 184 32.26 1.89 36.95
N THR D 185 31.98 1.16 38.02
CA THR D 185 30.72 0.43 38.15
C THR D 185 30.38 0.31 39.62
N ARG D 186 29.09 0.41 39.93
CA ARG D 186 28.61 0.29 41.31
C ARG D 186 28.26 -1.15 41.67
N ASP D 187 27.41 -1.78 40.87
CA ASP D 187 26.95 -3.15 41.13
C ASP D 187 27.84 -4.21 40.49
N GLY D 188 28.82 -3.83 39.69
CA GLY D 188 29.67 -4.76 39.01
C GLY D 188 29.31 -5.04 37.56
N VAL D 189 28.07 -4.76 37.17
CA VAL D 189 27.61 -4.97 35.79
C VAL D 189 27.26 -3.65 35.12
N HIS D 190 26.46 -2.82 35.79
CA HIS D 190 26.00 -1.56 35.22
C HIS D 190 26.99 -0.44 35.53
N PRO D 191 27.40 0.32 34.53
CA PRO D 191 28.46 1.32 34.73
C PRO D 191 27.95 2.58 35.41
N THR D 192 28.84 3.22 36.14
CA THR D 192 28.62 4.60 36.56
C THR D 192 28.77 5.55 35.37
N LEU D 193 28.44 6.82 35.60
CA LEU D 193 28.65 7.83 34.58
C LEU D 193 30.12 7.93 34.21
N GLU D 194 31.01 7.73 35.19
CA GLU D 194 32.45 7.75 34.91
C GLU D 194 32.86 6.54 34.09
N GLY D 195 32.28 5.37 34.36
CA GLY D 195 32.53 4.21 33.52
C GLY D 195 32.01 4.43 32.12
N TYR D 196 30.84 5.07 31.98
CA TYR D 196 30.32 5.38 30.67
C TYR D 196 31.24 6.36 29.93
N LYS D 197 31.82 7.32 30.65
CA LYS D 197 32.76 8.27 30.04
C LYS D 197 33.95 7.52 29.42
N VAL D 198 34.48 6.52 30.13
CA VAL D 198 35.57 5.69 29.61
C VAL D 198 35.11 4.96 28.35
N MET D 199 33.94 4.29 28.43
CA MET D 199 33.41 3.62 27.25
C MET D 199 33.22 4.61 26.12
N GLU D 200 32.76 5.82 26.45
CA GLU D 200 32.53 6.84 25.44
C GLU D 200 33.80 7.15 24.67
N ALA D 201 34.87 7.48 25.38
CA ALA D 201 36.14 7.77 24.71
C ALA D 201 36.58 6.59 23.83
N LEU D 202 36.44 5.37 24.33
CA LEU D 202 36.87 4.20 23.58
C LEU D 202 36.06 3.99 22.30
N ILE D 203 34.73 3.89 22.40
CA ILE D 203 33.94 3.61 21.21
C ILE D 203 34.06 4.75 20.20
N LYS D 204 34.16 5.99 20.67
CA LYS D 204 34.28 7.12 19.75
C LYS D 204 35.56 7.01 18.92
N LYS D 205 36.67 6.60 19.54
CA LYS D 205 37.90 6.42 18.77
C LYS D 205 37.70 5.39 17.67
N ALA D 206 37.17 4.22 18.02
CA ALA D 206 36.93 3.20 17.00
C ALA D 206 35.91 3.67 15.96
N ILE D 207 34.92 4.47 16.36
CA ILE D 207 33.93 4.96 15.41
C ILE D 207 34.57 5.93 14.41
N ASP D 208 35.36 6.89 14.90
CA ASP D 208 36.02 7.84 14.01
C ASP D 208 36.98 7.12 13.06
N LYS D 209 37.68 6.10 13.56
CA LYS D 209 38.56 5.33 12.68
C LYS D 209 37.77 4.67 11.55
N VAL D 210 36.53 4.26 11.80
CA VAL D 210 35.77 3.56 10.76
C VAL D 210 35.17 4.55 9.77
N LEU D 211 34.68 5.67 10.27
CA LEU D 211 34.04 6.65 9.40
C LEU D 211 35.04 7.49 8.60
N GLY D 212 36.34 7.22 8.73
CA GLY D 212 37.35 7.90 7.95
C GLY D 212 38.33 6.94 7.29
C1 IPA E . -30.05 26.60 -8.97
C2 IPA E . -31.09 26.87 -7.88
C3 IPA E . -31.40 25.55 -7.23
O2 IPA E . -32.31 27.49 -8.32
#